data_4FPH
#
_entry.id   4FPH
#
_cell.length_a   76.261
_cell.length_b   82.581
_cell.length_c   116.703
_cell.angle_alpha   90.000
_cell.angle_beta   90.000
_cell.angle_gamma   90.000
#
_symmetry.space_group_name_H-M   'P 21 21 21'
#
loop_
_entity.id
_entity.type
_entity.pdbx_description
1 polymer 'Sialidase B'
2 non-polymer '2-[(3-fluorobenzyl)amino]ethanesulfonic acid'
3 non-polymer 'DIMETHYL SULFOXIDE'
4 water water
#
_entity_poly.entity_id   1
_entity_poly.type   'polypeptide(L)'
_entity_poly.pdbx_seq_one_letter_code
;MNKRGLYSKLGISVVGISLLMGVPTLIHANELNYGQLSISPIFQGGSYQLNNKSIDISSLLLDKLSGESQTVVMKFKADK
PNSLQALFGLSNSKAGFKNNYFSIFMRDSGEIGVEIRDAQKGINYLFSRPASLWGKHKGQAVENTLVFVSDSKDKTYTMY
VNGIEVFSETVDTFLPISNINGIDKATLGAVNREGKEHYLAKGSIDEISLFNKAISDQEVSTIPLSNPFQLIFQSGDSTQ
ANYFRIPTLYTLSSGRVLSSIDARYGGTHDSKSKINIATSYSDDNGKTWSEPIFAMKFNDYEEQLVYWPRDNKLKNSQIS
GSASFIDSSIVEDKKSGKTILLADVMPAGIGNNNANKADSGFKEINGHYYLKLKKNGDNDFRYTVRENGVVYNETTNKPT
NYTINDKYEVLEGGKSLTVEQYSVDFDSGSLRERHNGKQVPMNVFYKDSLFKVTPTNYIAMTTSQNRGESWEQFKLLPPF
LGEKHNGTYLCPGQGLALKSSNRLIFATYTSGELTYLISDDSGQTWKKSSASIPFKNATAEAQMVELRDGVIRTFFRTTT
GKIAYMTSRDSGETWSKVSYIDGIQQTSYGTQVSAIKYSQLIDGKEAVILSTPNSRSGRKGGQLVVGLVNKEDDSIDWKY
HYDIDLPSYGYAYSAITELPNHHIGVLFEKYDSWSRNELHLSNVVQYIDLEINDLTK
;
_entity_poly.pdbx_strand_id   A
#
loop_
_chem_comp.id
_chem_comp.type
_chem_comp.name
_chem_comp.formula
0V7 non-polymer '2-[(3-fluorobenzyl)amino]ethanesulfonic acid' 'C9 H12 F N O3 S'
DMS non-polymer 'DIMETHYL SULFOXIDE' 'C2 H6 O S'
#
# COMPACT_ATOMS: atom_id res chain seq x y z
N ILE A 39 -6.41 0.74 37.03
CA ILE A 39 -6.59 -0.61 37.56
C ILE A 39 -5.38 -1.49 37.21
N SER A 40 -4.90 -2.24 38.20
CA SER A 40 -3.75 -3.12 38.02
C SER A 40 -4.26 -4.51 37.59
N PRO A 41 -3.36 -5.41 37.13
CA PRO A 41 -3.91 -6.67 36.62
C PRO A 41 -4.43 -7.60 37.70
N ILE A 42 -5.38 -8.45 37.35
CA ILE A 42 -5.91 -9.46 38.25
C ILE A 42 -5.07 -10.73 38.10
N PHE A 43 -4.32 -10.80 37.01
CA PHE A 43 -3.40 -11.91 36.78
C PHE A 43 -2.28 -11.44 35.89
N GLN A 44 -1.07 -11.90 36.20
CA GLN A 44 0.12 -11.53 35.46
C GLN A 44 1.10 -12.69 35.50
N GLY A 45 1.56 -13.12 34.32
CA GLY A 45 2.50 -14.21 34.22
C GLY A 45 3.40 -14.03 33.01
N GLY A 46 4.49 -14.78 32.96
CA GLY A 46 5.43 -14.62 31.87
C GLY A 46 6.41 -15.74 31.64
N SER A 47 7.19 -15.60 30.56
CA SER A 47 8.11 -16.64 30.07
C SER A 47 7.48 -18.03 30.02
N TYR A 48 6.43 -18.16 29.22
CA TYR A 48 5.84 -19.46 28.94
C TYR A 48 6.33 -19.93 27.59
N GLN A 49 6.85 -21.15 27.53
CA GLN A 49 7.28 -21.72 26.27
C GLN A 49 6.16 -22.60 25.76
N LEU A 50 5.65 -22.30 24.57
CA LEU A 50 4.62 -23.12 23.97
C LEU A 50 5.26 -24.05 22.95
N ASN A 51 5.52 -25.29 23.36
CA ASN A 51 6.15 -26.26 22.46
C ASN A 51 5.21 -27.40 22.13
N ASN A 52 4.10 -27.09 21.47
CA ASN A 52 3.07 -28.07 21.16
C ASN A 52 2.60 -28.83 22.38
N LYS A 53 2.51 -28.11 23.50
CA LYS A 53 1.97 -28.66 24.73
C LYS A 53 1.36 -27.52 25.52
N SER A 54 0.06 -27.61 25.80
CA SER A 54 -0.63 -26.53 26.50
C SER A 54 -0.16 -26.36 27.94
N ILE A 55 -0.30 -25.14 28.45
CA ILE A 55 -0.01 -24.86 29.86
C ILE A 55 -1.31 -24.48 30.57
N ASP A 56 -1.64 -25.22 31.63
CA ASP A 56 -2.85 -24.97 32.40
C ASP A 56 -2.61 -23.86 33.43
N ILE A 57 -3.40 -22.78 33.34
CA ILE A 57 -3.32 -21.71 34.33
C ILE A 57 -4.66 -21.49 35.03
N SER A 58 -5.52 -22.51 34.98
CA SER A 58 -6.85 -22.42 35.58
C SER A 58 -6.79 -22.00 37.05
N SER A 59 -5.93 -22.68 37.82
CA SER A 59 -5.79 -22.42 39.25
C SER A 59 -5.47 -20.96 39.53
N LEU A 60 -4.61 -20.39 38.68
CA LEU A 60 -4.15 -19.02 38.87
C LEU A 60 -5.16 -17.97 38.43
N LEU A 61 -5.99 -18.29 37.43
CA LEU A 61 -6.76 -17.24 36.75
C LEU A 61 -8.27 -17.27 36.93
N LEU A 62 -8.86 -18.46 36.87
CA LEU A 62 -10.33 -18.55 36.76
C LEU A 62 -11.10 -17.83 37.88
N ASP A 63 -10.68 -18.03 39.13
CA ASP A 63 -11.39 -17.39 40.23
C ASP A 63 -11.04 -15.90 40.38
N LYS A 64 -10.18 -15.40 39.49
CA LYS A 64 -9.84 -13.98 39.48
C LYS A 64 -10.75 -13.20 38.54
N LEU A 65 -11.34 -13.90 37.57
CA LEU A 65 -12.21 -13.26 36.58
C LEU A 65 -13.55 -12.85 37.21
N SER A 66 -13.91 -11.58 37.06
CA SER A 66 -15.15 -11.09 37.63
CA SER A 66 -15.11 -11.04 37.67
C SER A 66 -15.71 -9.93 36.83
N GLY A 67 -17.03 -9.85 36.77
CA GLY A 67 -17.69 -8.83 35.99
C GLY A 67 -17.69 -9.19 34.52
N GLU A 68 -18.30 -8.34 33.69
CA GLU A 68 -18.58 -8.71 32.31
C GLU A 68 -17.61 -8.14 31.28
N SER A 69 -16.68 -7.31 31.73
CA SER A 69 -15.72 -6.66 30.85
C SER A 69 -14.30 -7.12 31.18
N GLN A 70 -13.48 -7.35 30.15
CA GLN A 70 -12.12 -7.84 30.37
C GLN A 70 -11.12 -7.31 29.34
N THR A 71 -9.86 -7.19 29.73
CA THR A 71 -8.79 -6.85 28.80
C THR A 71 -7.67 -7.88 28.95
N VAL A 72 -7.19 -8.37 27.80
CA VAL A 72 -6.04 -9.27 27.77
C VAL A 72 -4.87 -8.55 27.11
N VAL A 73 -3.74 -8.48 27.81
CA VAL A 73 -2.53 -7.91 27.25
C VAL A 73 -1.51 -9.04 27.16
N MET A 74 -0.97 -9.27 25.96
CA MET A 74 -0.07 -10.40 25.76
C MET A 74 1.10 -10.04 24.85
N LYS A 75 2.32 -10.31 25.33
CA LYS A 75 3.51 -10.15 24.51
C LYS A 75 4.01 -11.55 24.14
N PHE A 76 4.06 -11.83 22.84
CA PHE A 76 4.31 -13.19 22.40
C PHE A 76 5.18 -13.26 21.14
N LYS A 77 5.86 -14.38 20.98
CA LYS A 77 6.63 -14.64 19.77
C LYS A 77 6.10 -15.90 19.11
N ALA A 78 6.08 -15.88 17.80
CA ALA A 78 5.81 -17.09 17.04
C ALA A 78 6.54 -16.94 15.73
N ASP A 79 7.76 -17.43 15.69
CA ASP A 79 8.54 -17.36 14.46
C ASP A 79 8.48 -18.67 13.69
N LYS A 80 7.86 -19.68 14.30
CA LYS A 80 7.60 -20.93 13.61
C LYS A 80 6.21 -21.47 13.90
N PRO A 81 5.18 -20.65 13.63
CA PRO A 81 3.84 -21.07 14.05
C PRO A 81 3.29 -22.29 13.30
N ASN A 82 2.42 -23.03 13.95
CA ASN A 82 1.61 -24.04 13.28
C ASN A 82 0.62 -23.33 12.36
N SER A 83 -0.07 -24.09 11.51
CA SER A 83 -0.99 -23.54 10.52
C SER A 83 -2.10 -22.73 11.19
N LEU A 84 -2.62 -23.28 12.29
CA LEU A 84 -3.66 -22.63 13.07
C LEU A 84 -3.39 -22.96 14.53
N GLN A 85 -3.23 -21.94 15.37
CA GLN A 85 -2.94 -22.22 16.77
C GLN A 85 -3.54 -21.21 17.73
N ALA A 86 -3.97 -21.68 18.90
CA ALA A 86 -4.48 -20.79 19.93
C ALA A 86 -3.38 -20.34 20.87
N LEU A 87 -3.33 -19.05 21.14
CA LEU A 87 -2.38 -18.54 22.12
C LEU A 87 -2.98 -18.64 23.53
N PHE A 88 -4.27 -18.36 23.63
CA PHE A 88 -4.94 -18.29 24.92
C PHE A 88 -6.35 -18.84 24.79
N GLY A 89 -6.78 -19.58 25.80
CA GLY A 89 -8.11 -20.16 25.80
C GLY A 89 -8.79 -20.13 27.16
N LEU A 90 -10.08 -19.87 27.14
CA LEU A 90 -10.96 -20.11 28.28
C LEU A 90 -12.05 -21.04 27.79
N SER A 91 -12.15 -22.23 28.38
CA SER A 91 -13.09 -23.21 27.84
C SER A 91 -13.87 -24.00 28.90
N ASN A 92 -15.01 -24.53 28.47
CA ASN A 92 -15.68 -25.60 29.19
C ASN A 92 -15.11 -26.88 28.62
N SER A 93 -14.31 -27.58 29.41
CA SER A 93 -13.60 -28.76 28.91
C SER A 93 -14.42 -30.04 28.99
N LYS A 94 -15.68 -29.93 29.41
CA LYS A 94 -16.50 -31.12 29.67
C LYS A 94 -17.14 -31.74 28.44
N ALA A 95 -17.39 -33.05 28.51
CA ALA A 95 -18.07 -33.79 27.45
C ALA A 95 -19.37 -33.12 27.03
N GLY A 96 -19.54 -32.91 25.73
CA GLY A 96 -20.77 -32.31 25.22
C GLY A 96 -20.79 -30.79 25.17
N PHE A 97 -19.69 -30.16 25.57
CA PHE A 97 -19.63 -28.70 25.52
C PHE A 97 -18.43 -28.20 24.75
N LYS A 98 -18.12 -28.87 23.63
CA LYS A 98 -16.92 -28.57 22.86
C LYS A 98 -16.97 -27.21 22.18
N ASN A 99 -18.16 -26.64 22.09
CA ASN A 99 -18.33 -25.35 21.42
C ASN A 99 -18.61 -24.24 22.43
N ASN A 100 -18.14 -24.44 23.65
CA ASN A 100 -18.24 -23.44 24.70
C ASN A 100 -16.85 -22.97 25.09
N TYR A 101 -16.33 -21.99 24.36
CA TYR A 101 -15.01 -21.49 24.66
C TYR A 101 -14.73 -20.09 24.11
N PHE A 102 -13.77 -19.43 24.73
CA PHE A 102 -13.17 -18.22 24.18
C PHE A 102 -11.73 -18.53 23.83
N SER A 103 -11.26 -18.01 22.70
CA SER A 103 -9.88 -18.22 22.32
C SER A 103 -9.30 -17.01 21.60
N ILE A 104 -8.01 -16.80 21.75
CA ILE A 104 -7.28 -15.89 20.88
C ILE A 104 -6.41 -16.79 20.01
N PHE A 105 -6.63 -16.75 18.70
CA PHE A 105 -5.88 -17.62 17.79
C PHE A 105 -5.12 -16.81 16.73
N MET A 106 -4.16 -17.48 16.09
CA MET A 106 -3.44 -16.89 14.98
C MET A 106 -3.27 -17.96 13.91
N ARG A 107 -3.00 -17.54 12.67
CA ARG A 107 -2.70 -18.49 11.60
C ARG A 107 -1.28 -18.24 11.12
N ASP A 108 -0.70 -19.22 10.40
CA ASP A 108 0.64 -19.02 9.85
C ASP A 108 0.68 -18.01 8.69
N SER A 109 -0.49 -17.51 8.28
CA SER A 109 -0.58 -16.38 7.34
C SER A 109 -0.33 -15.03 8.03
N GLY A 110 -0.31 -15.02 9.36
CA GLY A 110 -0.18 -13.78 10.11
C GLY A 110 -1.51 -13.20 10.59
N GLU A 111 -2.59 -13.91 10.26
CA GLU A 111 -3.91 -13.53 10.71
C GLU A 111 -4.04 -13.73 12.23
N ILE A 112 -4.76 -12.81 12.87
CA ILE A 112 -5.06 -12.90 14.31
C ILE A 112 -6.56 -12.86 14.49
N GLY A 113 -7.08 -13.51 15.52
CA GLY A 113 -8.49 -13.38 15.81
C GLY A 113 -8.93 -13.93 17.15
N VAL A 114 -10.24 -13.86 17.40
CA VAL A 114 -10.83 -14.52 18.55
C VAL A 114 -12.06 -15.32 18.15
N GLU A 115 -12.37 -16.33 18.95
CA GLU A 115 -13.68 -16.97 18.93
C GLU A 115 -14.31 -16.81 20.30
N ILE A 116 -15.62 -16.57 20.32
CA ILE A 116 -16.37 -16.48 21.57
C ILE A 116 -17.66 -17.27 21.36
N ARG A 117 -17.74 -18.42 22.02
CA ARG A 117 -18.74 -19.44 21.66
C ARG A 117 -19.46 -19.97 22.89
N ASP A 118 -20.78 -20.12 22.76
CA ASP A 118 -21.60 -20.66 23.85
C ASP A 118 -22.82 -21.32 23.21
N ALA A 119 -22.89 -22.64 23.29
CA ALA A 119 -23.91 -23.41 22.57
C ALA A 119 -25.29 -23.18 23.16
N GLN A 120 -25.35 -22.99 24.46
CA GLN A 120 -26.63 -22.77 25.14
C GLN A 120 -27.25 -21.43 24.73
N LYS A 121 -26.41 -20.40 24.62
CA LYS A 121 -26.86 -19.07 24.22
C LYS A 121 -27.00 -18.99 22.71
N GLY A 122 -26.48 -20.00 22.01
CA GLY A 122 -26.54 -20.02 20.56
C GLY A 122 -25.69 -18.94 19.93
N ILE A 123 -24.56 -18.66 20.56
CA ILE A 123 -23.63 -17.64 20.08
C ILE A 123 -22.31 -18.28 19.58
N ASN A 124 -21.93 -17.95 18.35
CA ASN A 124 -20.64 -18.37 17.82
C ASN A 124 -19.98 -17.20 17.12
N TYR A 125 -19.27 -16.38 17.90
CA TYR A 125 -18.65 -15.18 17.34
C TYR A 125 -17.26 -15.56 16.87
N LEU A 126 -16.90 -15.06 15.71
CA LEU A 126 -15.55 -15.22 15.17
C LEU A 126 -15.16 -13.88 14.57
N PHE A 127 -14.17 -13.21 15.17
CA PHE A 127 -13.69 -11.93 14.65
C PHE A 127 -12.21 -12.08 14.35
N SER A 128 -11.75 -11.56 13.22
CA SER A 128 -10.34 -11.70 12.89
C SER A 128 -9.89 -10.68 11.85
N ARG A 129 -8.59 -10.53 11.72
CA ARG A 129 -8.05 -9.82 10.55
C ARG A 129 -6.76 -10.45 10.05
N PRO A 130 -6.69 -10.71 8.75
CA PRO A 130 -5.45 -11.23 8.15
C PRO A 130 -4.30 -10.24 8.35
N ALA A 131 -3.07 -10.72 8.14
CA ALA A 131 -1.89 -9.87 8.11
C ALA A 131 -1.76 -8.89 9.30
N SER A 132 -1.80 -9.42 10.52
CA SER A 132 -1.75 -8.57 11.70
C SER A 132 -0.47 -8.72 12.52
N LEU A 133 0.37 -9.67 12.13
CA LEU A 133 1.51 -10.08 12.96
C LEU A 133 2.88 -9.91 12.30
N TRP A 134 3.91 -9.83 13.13
CA TRP A 134 5.28 -9.99 12.67
C TRP A 134 5.81 -11.32 13.19
N GLY A 135 6.76 -11.91 12.45
CA GLY A 135 7.35 -13.16 12.89
C GLY A 135 8.79 -12.98 13.29
N LYS A 136 9.59 -12.48 12.35
CA LYS A 136 11.03 -12.32 12.53
C LYS A 136 11.49 -11.01 11.92
N HIS A 137 12.53 -10.43 12.50
CA HIS A 137 13.15 -9.21 11.99
C HIS A 137 14.65 -9.33 12.26
N LYS A 138 15.46 -9.19 11.22
CA LYS A 138 16.90 -9.42 11.33
C LYS A 138 17.15 -10.82 11.92
N GLY A 139 16.32 -11.78 11.49
CA GLY A 139 16.48 -13.16 11.92
C GLY A 139 16.17 -13.47 13.37
N GLN A 140 15.60 -12.51 14.10
CA GLN A 140 15.24 -12.75 15.50
C GLN A 140 13.74 -12.69 15.66
N ALA A 141 13.20 -13.56 16.51
CA ALA A 141 11.75 -13.57 16.73
C ALA A 141 11.26 -12.22 17.27
N VAL A 142 10.22 -11.69 16.63
CA VAL A 142 9.64 -10.42 17.04
C VAL A 142 8.66 -10.59 18.20
N GLU A 143 8.77 -9.74 19.21
CA GLU A 143 7.79 -9.72 20.30
C GLU A 143 6.58 -8.88 19.87
N ASN A 144 5.48 -9.55 19.57
CA ASN A 144 4.25 -8.86 19.22
C ASN A 144 3.55 -8.45 20.51
N THR A 145 2.93 -7.28 20.48
CA THR A 145 2.15 -6.83 21.64
C THR A 145 0.67 -6.84 21.29
N LEU A 146 -0.08 -7.73 21.92
CA LEU A 146 -1.48 -7.91 21.59
C LEU A 146 -2.35 -7.39 22.74
N VAL A 147 -3.32 -6.55 22.42
CA VAL A 147 -4.27 -6.04 23.41
C VAL A 147 -5.68 -6.36 22.93
N PHE A 148 -6.41 -7.16 23.70
CA PHE A 148 -7.79 -7.47 23.34
C PHE A 148 -8.75 -6.95 24.41
N VAL A 149 -9.68 -6.11 23.99
CA VAL A 149 -10.61 -5.46 24.90
C VAL A 149 -12.04 -5.96 24.68
N SER A 150 -12.64 -6.49 25.74
CA SER A 150 -14.00 -7.03 25.70
C SER A 150 -14.90 -6.16 26.57
N ASP A 151 -15.70 -5.31 25.94
CA ASP A 151 -16.39 -4.21 26.61
C ASP A 151 -17.89 -4.47 26.68
N SER A 152 -18.36 -4.88 27.84
CA SER A 152 -19.78 -5.22 27.99
C SER A 152 -20.68 -3.99 27.87
N LYS A 153 -20.18 -2.83 28.27
CA LYS A 153 -21.03 -1.64 28.28
C LYS A 153 -21.34 -1.16 26.87
N ASP A 154 -20.32 -1.15 26.02
CA ASP A 154 -20.49 -0.75 24.63
C ASP A 154 -20.76 -1.96 23.72
N LYS A 155 -20.80 -3.16 24.31
CA LYS A 155 -21.06 -4.39 23.58
C LYS A 155 -20.08 -4.55 22.41
N THR A 156 -18.81 -4.27 22.67
CA THR A 156 -17.81 -4.18 21.62
C THR A 156 -16.56 -4.98 21.95
N TYR A 157 -16.04 -5.71 20.96
CA TYR A 157 -14.78 -6.42 21.10
C TYR A 157 -13.76 -5.75 20.19
N THR A 158 -12.63 -5.35 20.78
CA THR A 158 -11.60 -4.64 20.04
C THR A 158 -10.23 -5.29 20.20
N MET A 159 -9.52 -5.47 19.08
CA MET A 159 -8.19 -6.08 19.07
C MET A 159 -7.15 -5.13 18.50
N TYR A 160 -6.05 -4.96 19.23
CA TYR A 160 -4.90 -4.22 18.76
C TYR A 160 -3.71 -5.16 18.69
N VAL A 161 -2.90 -5.03 17.66
CA VAL A 161 -1.62 -5.75 17.65
C VAL A 161 -0.53 -4.79 17.19
N ASN A 162 0.55 -4.72 17.97
CA ASN A 162 1.67 -3.82 17.70
C ASN A 162 1.24 -2.36 17.54
N GLY A 163 0.25 -1.97 18.34
CA GLY A 163 -0.19 -0.58 18.38
C GLY A 163 -1.13 -0.23 17.26
N ILE A 164 -1.64 -1.26 16.58
CA ILE A 164 -2.57 -1.07 15.48
C ILE A 164 -3.90 -1.76 15.75
N GLU A 165 -4.98 -1.00 15.65
CA GLU A 165 -6.31 -1.56 15.84
C GLU A 165 -6.63 -2.38 14.60
N VAL A 166 -6.80 -3.68 14.77
CA VAL A 166 -7.04 -4.56 13.61
C VAL A 166 -8.49 -4.97 13.46
N PHE A 167 -9.27 -4.89 14.53
CA PHE A 167 -10.72 -4.96 14.41
C PHE A 167 -11.44 -4.38 15.63
N SER A 168 -12.67 -3.94 15.42
CA SER A 168 -13.53 -3.45 16.50
C SER A 168 -14.94 -3.83 16.09
N GLU A 169 -15.55 -4.77 16.80
CA GLU A 169 -16.84 -5.27 16.40
C GLU A 169 -17.87 -5.09 17.51
N THR A 170 -18.99 -4.44 17.17
CA THR A 170 -20.10 -4.26 18.09
C THR A 170 -21.18 -5.31 17.77
N VAL A 171 -21.75 -5.91 18.82
CA VAL A 171 -22.81 -6.90 18.64
C VAL A 171 -24.07 -6.48 19.39
N ASP A 172 -25.20 -7.03 18.96
CA ASP A 172 -26.46 -6.79 19.63
C ASP A 172 -26.51 -7.57 20.93
N THR A 173 -26.07 -8.82 20.87
CA THR A 173 -26.07 -9.70 22.03
C THR A 173 -24.64 -9.94 22.51
N PHE A 174 -24.24 -9.23 23.56
CA PHE A 174 -22.86 -9.33 24.04
C PHE A 174 -22.66 -10.63 24.83
N LEU A 175 -21.50 -11.28 24.61
CA LEU A 175 -21.10 -12.46 25.36
C LEU A 175 -19.79 -12.18 26.10
N PRO A 176 -19.87 -11.95 27.42
CA PRO A 176 -18.65 -11.78 28.22
C PRO A 176 -17.81 -13.05 28.14
N ILE A 177 -16.49 -12.90 28.07
CA ILE A 177 -15.61 -14.04 27.76
C ILE A 177 -15.51 -15.09 28.86
N SER A 178 -15.84 -14.71 30.09
CA SER A 178 -15.85 -15.67 31.18
C SER A 178 -17.28 -15.96 31.63
N ASN A 179 -18.24 -15.50 30.82
CA ASN A 179 -19.64 -15.78 31.09
C ASN A 179 -20.13 -16.94 30.23
N ILE A 180 -19.20 -17.61 29.56
CA ILE A 180 -19.52 -18.81 28.79
C ILE A 180 -19.93 -19.94 29.75
N ASN A 181 -21.01 -20.63 29.40
CA ASN A 181 -21.60 -21.68 30.25
C ASN A 181 -20.60 -22.78 30.62
N GLY A 182 -20.26 -22.88 31.90
CA GLY A 182 -19.43 -23.96 32.40
C GLY A 182 -17.92 -23.88 32.18
N ILE A 183 -17.39 -22.68 31.94
CA ILE A 183 -15.95 -22.50 31.81
C ILE A 183 -15.25 -23.15 33.00
N ASP A 184 -14.29 -24.03 32.73
CA ASP A 184 -13.55 -24.67 33.81
C ASP A 184 -12.05 -24.78 33.54
N LYS A 185 -11.58 -24.21 32.43
CA LYS A 185 -10.15 -24.21 32.10
C LYS A 185 -9.68 -22.85 31.56
N ALA A 186 -8.51 -22.41 32.01
CA ALA A 186 -7.77 -21.32 31.38
C ALA A 186 -6.49 -21.93 30.88
N THR A 187 -6.20 -21.71 29.60
CA THR A 187 -5.15 -22.45 28.90
C THR A 187 -4.25 -21.55 28.02
N LEU A 188 -2.95 -21.80 28.04
CA LEU A 188 -2.04 -21.13 27.12
C LEU A 188 -1.55 -22.13 26.08
N GLY A 189 -1.62 -21.75 24.81
CA GLY A 189 -1.05 -22.57 23.76
C GLY A 189 -1.95 -23.71 23.29
N ALA A 190 -3.22 -23.68 23.71
CA ALA A 190 -4.25 -24.58 23.17
C ALA A 190 -5.61 -24.15 23.71
N VAL A 191 -6.66 -24.77 23.20
CA VAL A 191 -7.97 -24.70 23.83
C VAL A 191 -8.34 -26.11 24.24
N ASN A 192 -8.69 -26.30 25.51
CA ASN A 192 -9.09 -27.63 25.99
C ASN A 192 -10.55 -27.90 25.64
N ARG A 193 -10.78 -28.80 24.69
CA ARG A 193 -12.14 -29.19 24.34
C ARG A 193 -12.36 -30.67 24.63
N GLU A 194 -13.36 -30.97 25.44
CA GLU A 194 -13.67 -32.33 25.87
C GLU A 194 -12.41 -33.07 26.35
N GLY A 195 -11.58 -32.36 27.11
CA GLY A 195 -10.38 -32.94 27.71
C GLY A 195 -9.19 -33.08 26.79
N LYS A 196 -9.32 -32.66 25.53
CA LYS A 196 -8.20 -32.75 24.59
C LYS A 196 -7.68 -31.40 24.09
N GLU A 197 -6.42 -31.37 23.68
CA GLU A 197 -5.75 -30.15 23.22
C GLU A 197 -6.03 -29.83 21.75
N HIS A 198 -6.77 -28.75 21.51
CA HIS A 198 -7.05 -28.30 20.15
C HIS A 198 -6.23 -27.05 19.85
N TYR A 199 -5.90 -26.85 18.57
CA TYR A 199 -5.17 -25.65 18.15
C TYR A 199 -3.83 -25.50 18.87
N LEU A 200 -3.10 -26.60 19.03
CA LEU A 200 -1.81 -26.57 19.72
C LEU A 200 -0.86 -25.56 19.09
N ALA A 201 -0.20 -24.77 19.94
CA ALA A 201 0.70 -23.71 19.46
C ALA A 201 2.17 -24.02 19.61
N LYS A 202 2.95 -23.49 18.67
CA LYS A 202 4.40 -23.36 18.82
C LYS A 202 4.73 -21.88 18.89
N GLY A 203 5.35 -21.46 19.98
CA GLY A 203 5.77 -20.09 20.15
C GLY A 203 6.10 -19.85 21.60
N SER A 204 6.03 -18.59 22.03
CA SER A 204 6.23 -18.28 23.44
C SER A 204 5.41 -17.07 23.82
N ILE A 205 4.96 -17.06 25.08
CA ILE A 205 4.29 -15.90 25.64
C ILE A 205 5.19 -15.30 26.72
N ASP A 206 5.83 -14.19 26.39
CA ASP A 206 6.78 -13.58 27.33
C ASP A 206 6.06 -12.89 28.48
N GLU A 207 4.90 -12.30 28.19
CA GLU A 207 4.11 -11.61 29.20
C GLU A 207 2.63 -11.76 28.91
N ILE A 208 1.84 -12.03 29.93
CA ILE A 208 0.39 -12.01 29.76
C ILE A 208 -0.25 -11.41 31.01
N SER A 209 -1.16 -10.46 30.82
CA SER A 209 -1.87 -9.81 31.91
C SER A 209 -3.35 -9.78 31.58
N LEU A 210 -4.19 -9.94 32.58
CA LEU A 210 -5.64 -9.78 32.40
C LEU A 210 -6.20 -8.78 33.39
N PHE A 211 -7.22 -8.06 32.97
CA PHE A 211 -7.81 -6.99 33.76
C PHE A 211 -9.31 -7.20 33.75
N ASN A 212 -9.95 -6.92 34.88
CA ASN A 212 -11.40 -6.95 34.95
C ASN A 212 -11.96 -5.59 34.61
N LYS A 213 -11.55 -5.08 33.45
CA LYS A 213 -12.02 -3.80 32.98
C LYS A 213 -11.79 -3.75 31.48
N ALA A 214 -12.64 -3.03 30.77
CA ALA A 214 -12.34 -2.68 29.38
C ALA A 214 -11.53 -1.39 29.40
N ILE A 215 -10.22 -1.50 29.23
CA ILE A 215 -9.38 -0.31 29.28
C ILE A 215 -9.64 0.60 28.08
N SER A 216 -9.44 1.90 28.26
CA SER A 216 -9.77 2.86 27.20
C SER A 216 -8.76 2.87 26.07
N ASP A 217 -9.15 3.46 24.95
CA ASP A 217 -8.23 3.65 23.82
C ASP A 217 -6.99 4.47 24.24
N GLN A 218 -7.16 5.36 25.23
CA GLN A 218 -6.04 6.15 25.76
C GLN A 218 -5.08 5.27 26.52
N GLU A 219 -5.62 4.47 27.44
CA GLU A 219 -4.80 3.56 28.23
C GLU A 219 -4.05 2.58 27.32
N VAL A 220 -4.72 2.08 26.30
CA VAL A 220 -4.09 1.18 25.34
C VAL A 220 -2.88 1.83 24.71
N SER A 221 -3.01 3.10 24.33
CA SER A 221 -1.93 3.88 23.71
C SER A 221 -0.67 3.99 24.57
N THR A 222 -0.80 3.77 25.88
CA THR A 222 0.32 3.87 26.81
C THR A 222 1.09 2.55 27.03
N ILE A 223 0.58 1.46 26.48
CA ILE A 223 1.24 0.17 26.62
C ILE A 223 2.51 0.12 25.76
N PRO A 224 3.65 -0.20 26.38
CA PRO A 224 4.94 -0.21 25.66
C PRO A 224 4.92 -1.22 24.53
N LEU A 225 5.54 -0.87 23.41
CA LEU A 225 5.59 -1.76 22.26
C LEU A 225 7.03 -2.15 21.95
N SER A 226 7.20 -3.24 21.23
CA SER A 226 8.52 -3.66 20.79
C SER A 226 8.48 -3.87 19.30
N ASN A 227 7.95 -2.89 18.57
CA ASN A 227 7.78 -3.06 17.13
C ASN A 227 9.09 -3.04 16.36
N PRO A 228 9.20 -3.90 15.34
CA PRO A 228 10.38 -3.85 14.47
C PRO A 228 10.22 -2.84 13.33
N PHE A 229 9.07 -2.17 13.29
CA PHE A 229 8.71 -1.31 12.16
C PHE A 229 8.21 0.07 12.61
N GLN A 230 8.04 0.97 11.64
CA GLN A 230 7.46 2.29 11.86
C GLN A 230 6.35 2.48 10.84
N LEU A 231 5.46 3.44 11.10
CA LEU A 231 4.50 3.86 10.09
C LEU A 231 4.87 5.27 9.64
N ILE A 232 4.85 5.49 8.33
CA ILE A 232 5.05 6.81 7.75
C ILE A 232 3.66 7.39 7.50
N PHE A 233 2.88 6.66 6.74
CA PHE A 233 1.46 6.97 6.52
C PHE A 233 0.61 6.04 7.37
N GLN A 234 -0.50 6.54 7.91
CA GLN A 234 -1.35 5.72 8.79
C GLN A 234 -2.75 6.27 8.90
N SER A 235 -3.70 5.39 9.20
CA SER A 235 -5.09 5.76 9.38
C SER A 235 -5.23 6.89 10.40
N GLY A 236 -5.93 7.95 10.01
CA GLY A 236 -6.21 9.03 10.93
C GLY A 236 -5.21 10.17 10.78
N ASP A 237 -4.23 10.00 9.92
CA ASP A 237 -3.27 11.08 9.68
C ASP A 237 -3.89 12.19 8.83
N SER A 238 -3.06 13.13 8.40
CA SER A 238 -3.52 14.29 7.65
C SER A 238 -4.20 13.96 6.31
N THR A 239 -3.95 12.77 5.75
CA THR A 239 -4.56 12.42 4.47
C THR A 239 -6.01 12.06 4.65
N GLN A 240 -6.34 11.59 5.85
CA GLN A 240 -7.66 11.05 6.16
C GLN A 240 -8.09 9.87 5.28
N ALA A 241 -7.12 9.21 4.65
CA ALA A 241 -7.41 7.94 4.00
C ALA A 241 -7.18 6.82 5.00
N ASN A 242 -8.08 5.85 5.02
CA ASN A 242 -7.96 4.73 5.95
C ASN A 242 -7.03 3.64 5.43
N TYR A 243 -6.68 3.73 4.14
CA TYR A 243 -5.89 2.70 3.42
C TYR A 243 -4.78 3.33 2.60
N PHE A 244 -3.70 2.57 2.38
CA PHE A 244 -2.57 3.03 1.59
C PHE A 244 -2.01 1.88 0.77
N ARG A 245 -1.57 2.17 -0.44
CA ARG A 245 -0.91 1.20 -1.30
C ARG A 245 0.14 1.89 -2.14
N ILE A 246 1.04 1.12 -2.72
CA ILE A 246 1.99 1.63 -3.73
C ILE A 246 2.99 2.63 -3.14
N PRO A 247 3.82 2.19 -2.16
CA PRO A 247 4.83 3.04 -1.53
C PRO A 247 5.99 3.34 -2.47
N THR A 248 6.65 4.48 -2.24
CA THR A 248 7.89 4.83 -2.93
C THR A 248 8.84 5.44 -1.91
N LEU A 249 10.14 5.43 -2.22
CA LEU A 249 11.15 6.07 -1.37
C LEU A 249 12.22 6.60 -2.29
N TYR A 250 12.80 7.74 -1.93
CA TYR A 250 13.84 8.34 -2.75
C TYR A 250 14.72 9.21 -1.87
N THR A 251 16.04 9.00 -1.94
CA THR A 251 16.94 9.78 -1.10
C THR A 251 17.42 11.02 -1.85
N LEU A 252 17.14 12.19 -1.31
CA LEU A 252 17.50 13.46 -1.96
C LEU A 252 18.92 13.88 -1.61
N SER A 253 19.52 14.73 -2.46
CA SER A 253 20.94 15.12 -2.30
C SER A 253 21.22 15.79 -0.97
N SER A 254 20.24 16.50 -0.42
CA SER A 254 20.40 17.17 0.87
C SER A 254 20.46 16.16 2.02
N GLY A 255 20.06 14.93 1.75
CA GLY A 255 20.01 13.90 2.78
C GLY A 255 18.59 13.61 3.24
N ARG A 256 17.67 14.50 2.88
CA ARG A 256 16.26 14.27 3.16
C ARG A 256 15.79 13.03 2.37
N VAL A 257 15.01 12.17 3.02
CA VAL A 257 14.45 11.00 2.36
C VAL A 257 12.96 11.25 2.13
N LEU A 258 12.54 11.11 0.88
CA LEU A 258 11.17 11.43 0.49
C LEU A 258 10.39 10.15 0.17
N SER A 259 9.13 10.13 0.57
CA SER A 259 8.26 8.98 0.28
C SER A 259 6.97 9.49 -0.34
N SER A 260 6.47 8.77 -1.34
CA SER A 260 5.13 9.02 -1.85
C SER A 260 4.31 7.72 -1.78
N ILE A 261 3.00 7.86 -1.94
CA ILE A 261 2.10 6.71 -1.74
C ILE A 261 0.73 7.02 -2.31
N ASP A 262 -0.05 5.98 -2.62
CA ASP A 262 -1.47 6.13 -2.90
C ASP A 262 -2.20 6.25 -1.58
N ALA A 263 -2.83 7.40 -1.31
CA ALA A 263 -3.77 7.51 -0.20
C ALA A 263 -5.15 7.05 -0.71
N ARG A 264 -5.53 5.82 -0.34
CA ARG A 264 -6.72 5.18 -0.89
C ARG A 264 -7.94 5.25 0.04
N TYR A 265 -8.97 5.94 -0.42
CA TYR A 265 -10.13 6.22 0.42
C TYR A 265 -11.18 5.12 0.41
N GLY A 266 -11.49 4.60 -0.79
CA GLY A 266 -12.55 3.61 -0.93
C GLY A 266 -12.01 2.20 -0.81
N GLY A 267 -11.50 1.87 0.36
CA GLY A 267 -10.84 0.59 0.57
C GLY A 267 -9.52 0.56 -0.21
N THR A 268 -8.96 -0.62 -0.39
CA THR A 268 -7.68 -0.75 -1.08
C THR A 268 -7.81 -0.96 -2.58
N HIS A 269 -9.03 -0.87 -3.10
CA HIS A 269 -9.28 -1.06 -4.54
C HIS A 269 -8.44 -0.13 -5.42
N ASP A 270 -7.90 -0.63 -6.55
CA ASP A 270 -7.34 0.27 -7.58
C ASP A 270 -8.48 1.17 -8.08
N SER A 271 -8.13 2.23 -8.80
CA SER A 271 -9.12 3.00 -9.57
C SER A 271 -9.98 2.04 -10.41
N LYS A 272 -11.27 2.34 -10.64
CA LYS A 272 -11.97 3.53 -10.14
C LYS A 272 -12.15 3.56 -8.61
N SER A 273 -11.87 4.71 -8.01
CA SER A 273 -12.02 4.88 -6.57
C SER A 273 -11.79 6.35 -6.30
N LYS A 274 -11.65 6.73 -5.04
CA LYS A 274 -10.98 7.99 -4.75
C LYS A 274 -9.62 7.67 -4.18
N ILE A 275 -8.58 8.21 -4.82
CA ILE A 275 -7.20 8.07 -4.35
C ILE A 275 -6.50 9.39 -4.63
N ASN A 276 -5.72 9.85 -3.64
CA ASN A 276 -4.84 10.99 -3.79
C ASN A 276 -3.40 10.51 -3.67
N ILE A 277 -2.45 11.30 -4.15
CA ILE A 277 -1.03 10.99 -3.92
C ILE A 277 -0.52 11.83 -2.75
N ALA A 278 -0.01 11.17 -1.72
CA ALA A 278 0.51 11.86 -0.54
C ALA A 278 2.01 11.69 -0.42
N THR A 279 2.68 12.62 0.26
CA THR A 279 4.12 12.51 0.47
C THR A 279 4.47 12.84 1.91
N SER A 280 5.63 12.32 2.36
CA SER A 280 6.15 12.59 3.70
C SER A 280 7.65 12.49 3.55
N TYR A 281 8.41 13.21 4.38
CA TYR A 281 9.87 13.11 4.31
C TYR A 281 10.49 12.94 5.69
N SER A 282 11.73 12.45 5.69
CA SER A 282 12.50 12.28 6.93
C SER A 282 13.84 12.98 6.78
N ASP A 283 14.21 13.76 7.80
CA ASP A 283 15.49 14.46 7.79
C ASP A 283 16.50 13.83 8.71
N ASP A 284 16.14 12.71 9.32
CA ASP A 284 17.04 12.05 10.26
C ASP A 284 17.24 10.57 9.92
N ASN A 285 17.50 10.29 8.65
CA ASN A 285 17.78 8.93 8.18
C ASN A 285 16.63 7.95 8.46
N GLY A 286 15.41 8.45 8.41
CA GLY A 286 14.24 7.59 8.49
C GLY A 286 13.71 7.37 9.90
N LYS A 287 14.34 8.01 10.89
CA LYS A 287 13.88 7.85 12.27
C LYS A 287 12.50 8.43 12.54
N THR A 288 12.24 9.62 11.99
CA THR A 288 10.95 10.30 12.12
C THR A 288 10.53 10.86 10.78
N TRP A 289 9.21 11.04 10.62
CA TRP A 289 8.65 11.42 9.33
C TRP A 289 7.68 12.57 9.52
N SER A 290 7.63 13.45 8.53
CA SER A 290 6.75 14.62 8.56
C SER A 290 5.28 14.23 8.38
N GLU A 291 4.37 15.05 8.90
CA GLU A 291 2.94 14.84 8.60
C GLU A 291 2.74 14.95 7.10
N PRO A 292 1.99 14.00 6.52
CA PRO A 292 1.87 14.01 5.05
C PRO A 292 1.15 15.23 4.52
N ILE A 293 1.51 15.58 3.28
CA ILE A 293 0.77 16.57 2.51
C ILE A 293 0.41 15.89 1.21
N PHE A 294 -0.41 16.53 0.38
CA PHE A 294 -0.72 15.94 -0.92
C PHE A 294 0.18 16.47 -2.04
N ALA A 295 0.64 15.58 -2.90
CA ALA A 295 1.33 15.97 -4.14
C ALA A 295 0.31 16.15 -5.25
N MET A 296 -0.68 15.26 -5.30
CA MET A 296 -1.77 15.34 -6.27
C MET A 296 -3.10 14.98 -5.61
N LYS A 297 -4.09 15.84 -5.75
CA LYS A 297 -5.38 15.55 -5.12
C LYS A 297 -6.52 16.12 -5.93
N PHE A 298 -7.66 15.46 -5.86
CA PHE A 298 -8.88 15.95 -6.48
C PHE A 298 -9.87 16.26 -5.35
N ASN A 299 -10.84 17.13 -5.61
CA ASN A 299 -11.78 17.56 -4.57
C ASN A 299 -13.25 17.19 -4.84
N ASP A 300 -13.50 16.47 -5.93
CA ASP A 300 -14.87 16.12 -6.29
C ASP A 300 -15.57 15.24 -5.26
N TYR A 301 -14.79 14.42 -4.55
CA TYR A 301 -15.30 13.69 -3.38
C TYR A 301 -14.53 14.11 -2.14
N GLU A 302 -15.22 14.11 -1.00
CA GLU A 302 -14.62 14.39 0.30
C GLU A 302 -13.51 13.41 0.65
N GLU A 303 -12.46 13.89 1.31
CA GLU A 303 -11.47 13.01 1.91
C GLU A 303 -12.03 12.40 3.19
N GLN A 304 -12.53 11.16 3.09
CA GLN A 304 -13.20 10.52 4.21
C GLN A 304 -12.46 9.30 4.71
N LEU A 305 -12.32 9.20 6.02
CA LEU A 305 -11.75 8.03 6.65
C LEU A 305 -12.90 7.05 6.87
N VAL A 306 -12.99 6.03 6.00
CA VAL A 306 -14.14 5.13 6.03
C VAL A 306 -13.71 3.70 6.33
N TYR A 307 -14.45 3.01 7.20
CA TYR A 307 -14.19 1.59 7.40
C TYR A 307 -14.90 0.79 6.32
N TRP A 308 -14.14 0.41 5.30
CA TRP A 308 -14.69 -0.29 4.15
C TRP A 308 -15.08 -1.73 4.52
N PRO A 309 -16.28 -2.16 4.14
CA PRO A 309 -16.76 -3.49 4.50
C PRO A 309 -15.88 -4.61 3.94
N ARG A 310 -15.65 -5.64 4.76
CA ARG A 310 -14.79 -6.75 4.39
C ARG A 310 -15.54 -8.07 4.20
N ASP A 311 -16.86 -8.03 4.38
CA ASP A 311 -17.68 -9.22 4.14
C ASP A 311 -17.79 -9.52 2.64
N ASN A 312 -18.11 -10.76 2.29
CA ASN A 312 -18.13 -11.13 0.88
C ASN A 312 -19.19 -10.42 0.04
N LYS A 313 -20.31 -10.04 0.64
CA LYS A 313 -21.36 -9.38 -0.12
C LYS A 313 -21.02 -7.95 -0.52
N LEU A 314 -20.26 -7.25 0.33
CA LEU A 314 -20.00 -5.82 0.13
C LEU A 314 -18.56 -5.40 -0.15
N LYS A 315 -17.58 -6.30 0.00
CA LYS A 315 -16.18 -5.87 -0.08
C LYS A 315 -15.78 -5.32 -1.43
N ASN A 316 -16.51 -5.71 -2.47
CA ASN A 316 -16.25 -5.16 -3.79
C ASN A 316 -17.00 -3.86 -4.07
N SER A 317 -17.64 -3.30 -3.05
CA SER A 317 -18.15 -1.93 -3.16
C SER A 317 -17.00 -1.02 -3.59
N GLN A 318 -17.30 -0.11 -4.50
CA GLN A 318 -16.25 0.70 -5.10
C GLN A 318 -16.78 2.09 -5.36
N ILE A 319 -16.04 3.11 -4.92
CA ILE A 319 -16.42 4.49 -5.23
C ILE A 319 -16.36 4.64 -6.74
N SER A 320 -17.50 4.97 -7.35
CA SER A 320 -17.62 4.81 -8.79
C SER A 320 -17.72 6.09 -9.59
N GLY A 321 -17.79 7.23 -8.90
CA GLY A 321 -17.94 8.50 -9.59
C GLY A 321 -16.85 9.53 -9.30
N SER A 322 -15.76 9.10 -8.66
CA SER A 322 -14.67 10.03 -8.30
C SER A 322 -13.49 9.97 -9.27
N ALA A 323 -12.83 11.10 -9.45
CA ALA A 323 -11.58 11.12 -10.21
C ALA A 323 -10.52 10.59 -9.26
N SER A 324 -9.40 10.13 -9.79
CA SER A 324 -8.35 9.58 -8.92
CA SER A 324 -8.37 9.48 -8.97
C SER A 324 -6.96 9.69 -9.54
N PHE A 325 -5.95 9.61 -8.68
CA PHE A 325 -4.55 9.48 -9.07
C PHE A 325 -4.10 8.11 -8.58
N ILE A 326 -3.11 7.50 -9.23
CA ILE A 326 -2.67 6.17 -8.84
C ILE A 326 -1.28 5.91 -9.39
N ASP A 327 -0.46 5.19 -8.64
CA ASP A 327 0.91 4.82 -9.05
C ASP A 327 1.84 6.03 -9.23
N SER A 328 2.45 6.49 -8.14
CA SER A 328 3.38 7.60 -8.21
C SER A 328 4.83 7.13 -8.36
N SER A 329 5.68 8.03 -8.86
CA SER A 329 7.10 7.75 -9.02
C SER A 329 7.85 9.06 -8.84
N ILE A 330 9.03 9.00 -8.23
CA ILE A 330 9.80 10.20 -7.85
C ILE A 330 11.20 10.20 -8.45
N VAL A 331 11.71 11.38 -8.79
CA VAL A 331 13.12 11.53 -9.16
C VAL A 331 13.60 12.91 -8.73
N GLU A 332 14.91 13.07 -8.54
CA GLU A 332 15.46 14.39 -8.26
C GLU A 332 16.36 14.83 -9.40
N ASP A 333 16.21 16.09 -9.82
CA ASP A 333 17.00 16.67 -10.91
C ASP A 333 18.14 17.52 -10.34
N LYS A 334 19.38 17.14 -10.64
CA LYS A 334 20.54 17.84 -10.10
C LYS A 334 20.66 19.26 -10.64
N LYS A 335 20.41 19.43 -11.93
CA LYS A 335 20.52 20.73 -12.57
C LYS A 335 19.67 21.81 -11.88
N SER A 336 18.37 21.57 -11.80
CA SER A 336 17.47 22.57 -11.24
C SER A 336 17.38 22.44 -9.71
N GLY A 337 17.66 21.24 -9.22
CA GLY A 337 17.49 20.93 -7.80
C GLY A 337 16.06 20.55 -7.46
N LYS A 338 15.18 20.54 -8.46
CA LYS A 338 13.78 20.26 -8.20
C LYS A 338 13.51 18.78 -7.98
N THR A 339 12.45 18.48 -7.26
CA THR A 339 11.99 17.11 -7.12
C THR A 339 10.83 16.99 -8.08
N ILE A 340 10.77 15.88 -8.81
CA ILE A 340 9.72 15.68 -9.79
C ILE A 340 8.93 14.42 -9.43
N LEU A 341 7.62 14.53 -9.44
CA LEU A 341 6.75 13.41 -9.14
C LEU A 341 5.73 13.27 -10.25
N LEU A 342 5.62 12.05 -10.77
CA LEU A 342 4.60 11.69 -11.76
C LEU A 342 3.64 10.68 -11.12
N ALA A 343 2.41 10.64 -11.62
CA ALA A 343 1.43 9.62 -11.24
C ALA A 343 0.42 9.47 -12.38
N ASP A 344 -0.25 8.32 -12.46
CA ASP A 344 -1.34 8.18 -13.41
C ASP A 344 -2.51 9.05 -12.96
N VAL A 345 -3.33 9.51 -13.91
CA VAL A 345 -4.54 10.28 -13.59
C VAL A 345 -5.73 9.61 -14.22
N MET A 346 -6.79 9.42 -13.42
CA MET A 346 -7.99 8.76 -13.89
C MET A 346 -9.18 9.70 -13.72
N PRO A 347 -9.91 9.96 -14.81
CA PRO A 347 -11.13 10.77 -14.70
C PRO A 347 -12.19 10.02 -13.91
N ALA A 348 -13.27 10.73 -13.55
CA ALA A 348 -14.34 10.19 -12.70
C ALA A 348 -14.83 8.85 -13.20
N GLY A 349 -14.90 7.88 -12.30
CA GLY A 349 -15.37 6.55 -12.63
C GLY A 349 -14.46 5.66 -13.46
N ILE A 350 -13.24 6.12 -13.74
CA ILE A 350 -12.32 5.39 -14.63
C ILE A 350 -11.20 4.65 -13.91
N GLY A 351 -10.93 3.43 -14.38
CA GLY A 351 -9.80 2.63 -13.94
C GLY A 351 -9.14 1.99 -15.14
N ASN A 352 -8.21 1.05 -14.94
CA ASN A 352 -7.55 0.44 -16.10
C ASN A 352 -8.48 -0.52 -16.85
N ASN A 353 -9.49 -1.02 -16.14
CA ASN A 353 -10.50 -1.93 -16.71
C ASN A 353 -11.38 -1.28 -17.78
N ASN A 354 -11.83 -0.05 -17.54
CA ASN A 354 -12.76 0.59 -18.45
C ASN A 354 -12.19 1.80 -19.22
N ALA A 355 -10.89 2.07 -19.05
CA ALA A 355 -10.27 3.19 -19.72
C ALA A 355 -10.29 2.97 -21.23
N ASN A 356 -10.71 4.00 -21.96
CA ASN A 356 -10.76 3.96 -23.42
C ASN A 356 -9.37 3.66 -23.97
N LYS A 357 -9.11 2.39 -24.29
CA LYS A 357 -8.01 2.05 -25.17
C LYS A 357 -8.53 2.50 -26.52
N ALA A 358 -7.60 2.94 -27.39
CA ALA A 358 -7.87 3.50 -28.73
C ALA A 358 -8.02 5.03 -28.76
N ASP A 359 -7.95 5.66 -27.59
CA ASP A 359 -8.01 7.12 -27.53
C ASP A 359 -7.02 7.68 -26.52
N SER A 360 -6.12 8.55 -26.99
CA SER A 360 -5.15 9.22 -26.11
C SER A 360 -5.79 10.33 -25.29
N GLY A 361 -6.93 10.85 -25.76
CA GLY A 361 -7.59 11.96 -25.09
C GLY A 361 -7.10 13.30 -25.61
N PHE A 362 -6.16 13.25 -26.55
CA PHE A 362 -5.67 14.45 -27.21
C PHE A 362 -5.96 14.40 -28.71
N LYS A 363 -6.06 15.56 -29.34
CA LYS A 363 -6.23 15.62 -30.79
C LYS A 363 -4.99 16.27 -31.40
N GLU A 364 -4.46 15.70 -32.48
CA GLU A 364 -3.37 16.38 -33.19
C GLU A 364 -3.89 17.49 -34.09
N ILE A 365 -3.35 18.68 -33.90
CA ILE A 365 -3.45 19.72 -34.92
C ILE A 365 -2.03 19.97 -35.43
N ASN A 366 -1.83 19.68 -36.71
CA ASN A 366 -0.54 19.80 -37.42
C ASN A 366 0.71 19.99 -36.57
N GLY A 367 1.08 18.97 -35.80
CA GLY A 367 2.30 18.99 -35.03
C GLY A 367 2.13 18.97 -33.51
N HIS A 368 1.00 19.48 -33.02
CA HIS A 368 0.82 19.67 -31.59
C HIS A 368 -0.36 18.88 -31.01
N TYR A 369 -0.31 18.64 -29.70
CA TYR A 369 -1.34 17.84 -29.02
C TYR A 369 -2.20 18.67 -28.08
N TYR A 370 -3.51 18.62 -28.30
CA TYR A 370 -4.45 19.37 -27.48
C TYR A 370 -5.48 18.48 -26.80
N LEU A 371 -5.67 18.70 -25.51
CA LEU A 371 -6.62 17.92 -24.71
C LEU A 371 -8.04 18.11 -25.21
N LYS A 372 -8.72 17.01 -25.50
CA LYS A 372 -10.10 17.07 -25.99
C LYS A 372 -11.08 17.23 -24.83
N LEU A 373 -12.22 17.87 -25.11
CA LEU A 373 -13.24 18.10 -24.09
C LEU A 373 -14.63 17.86 -24.68
N LYS A 374 -15.52 17.29 -23.86
CA LYS A 374 -16.91 17.06 -24.27
C LYS A 374 -17.82 17.91 -23.38
N LYS A 375 -18.70 18.69 -24.01
CA LYS A 375 -19.58 19.56 -23.24
C LYS A 375 -20.89 18.87 -22.89
N ASN A 376 -21.43 19.23 -21.72
CA ASN A 376 -22.74 18.77 -21.25
C ASN A 376 -23.79 18.75 -22.36
N GLY A 377 -24.23 17.55 -22.75
CA GLY A 377 -25.28 17.40 -23.74
C GLY A 377 -24.81 16.98 -25.13
N ASP A 378 -23.54 17.23 -25.44
CA ASP A 378 -23.00 16.79 -26.72
C ASP A 378 -22.73 15.29 -26.66
N ASN A 379 -22.83 14.63 -27.81
CA ASN A 379 -22.56 13.19 -27.86
C ASN A 379 -21.16 12.89 -28.40
N ASP A 380 -20.47 13.93 -28.83
CA ASP A 380 -19.08 13.79 -29.25
C ASP A 380 -18.19 14.82 -28.53
N PHE A 381 -16.88 14.69 -28.71
CA PHE A 381 -15.94 15.64 -28.13
C PHE A 381 -15.66 16.74 -29.14
N ARG A 382 -16.35 17.87 -28.99
CA ARG A 382 -16.27 18.93 -29.99
C ARG A 382 -15.40 20.10 -29.55
N TYR A 383 -14.67 19.91 -28.45
CA TYR A 383 -13.81 20.98 -27.96
C TYR A 383 -12.39 20.49 -27.73
N THR A 384 -11.47 21.45 -27.70
CA THR A 384 -10.07 21.19 -27.38
C THR A 384 -9.60 22.31 -26.47
N VAL A 385 -8.59 22.01 -25.66
CA VAL A 385 -7.95 23.01 -24.84
C VAL A 385 -6.72 23.48 -25.61
N ARG A 386 -6.84 24.62 -26.28
CA ARG A 386 -5.72 25.15 -27.04
C ARG A 386 -4.80 25.93 -26.13
N GLU A 387 -3.89 26.68 -26.73
CA GLU A 387 -2.93 27.50 -25.98
C GLU A 387 -3.63 28.39 -24.96
N ASN A 388 -2.91 28.71 -23.89
CA ASN A 388 -3.41 29.58 -22.81
C ASN A 388 -4.69 29.08 -22.14
N GLY A 389 -4.98 27.80 -22.32
CA GLY A 389 -6.12 27.16 -21.69
C GLY A 389 -7.44 27.51 -22.36
N VAL A 390 -7.36 28.23 -23.48
CA VAL A 390 -8.55 28.63 -24.22
C VAL A 390 -9.33 27.42 -24.72
N VAL A 391 -10.58 27.30 -24.27
CA VAL A 391 -11.47 26.24 -24.75
C VAL A 391 -12.00 26.62 -26.13
N TYR A 392 -11.86 25.69 -27.07
CA TYR A 392 -12.01 25.98 -28.48
C TYR A 392 -12.99 25.00 -29.09
N ASN A 393 -13.86 25.48 -29.97
CA ASN A 393 -14.87 24.64 -30.59
C ASN A 393 -14.41 24.11 -31.95
N GLU A 394 -14.21 22.79 -32.04
CA GLU A 394 -13.66 22.18 -33.24
C GLU A 394 -14.64 22.14 -34.41
N THR A 395 -15.93 22.31 -34.12
CA THR A 395 -16.95 22.27 -35.15
C THR A 395 -17.00 23.56 -35.96
N THR A 396 -16.82 24.69 -35.26
CA THR A 396 -16.85 26.00 -35.88
C THR A 396 -15.49 26.69 -35.82
N ASN A 397 -14.47 25.95 -35.39
CA ASN A 397 -13.12 26.50 -35.24
C ASN A 397 -13.11 27.80 -34.44
N LYS A 398 -14.10 27.93 -33.56
CA LYS A 398 -14.33 29.15 -32.79
C LYS A 398 -13.90 28.98 -31.35
N PRO A 399 -13.21 29.99 -30.81
CA PRO A 399 -12.89 30.00 -29.38
C PRO A 399 -14.14 30.28 -28.56
N THR A 400 -14.15 29.85 -27.29
CA THR A 400 -15.29 30.05 -26.42
C THR A 400 -14.99 31.11 -25.38
N ASN A 401 -15.94 31.32 -24.48
CA ASN A 401 -15.71 32.20 -23.35
C ASN A 401 -15.18 31.40 -22.15
N TYR A 402 -14.95 30.11 -22.37
CA TYR A 402 -14.44 29.22 -21.32
C TYR A 402 -12.94 29.04 -21.40
N THR A 403 -12.28 29.06 -20.24
CA THR A 403 -10.85 28.71 -20.17
C THR A 403 -10.60 27.67 -19.10
N ILE A 404 -9.52 26.92 -19.29
CA ILE A 404 -9.07 25.92 -18.33
C ILE A 404 -7.84 26.44 -17.64
N ASN A 405 -7.90 26.63 -16.32
CA ASN A 405 -6.74 27.14 -15.61
C ASN A 405 -5.65 26.09 -15.42
N ASP A 406 -4.61 26.47 -14.69
CA ASP A 406 -3.48 25.58 -14.48
CA ASP A 406 -3.47 25.61 -14.42
C ASP A 406 -3.85 24.33 -13.68
N LYS A 407 -4.89 24.43 -12.84
CA LYS A 407 -5.33 23.29 -12.04
C LYS A 407 -6.38 22.44 -12.76
N TYR A 408 -6.56 22.68 -14.06
CA TYR A 408 -7.55 21.98 -14.88
C TYR A 408 -8.98 22.26 -14.41
N GLU A 409 -9.15 23.43 -13.82
CA GLU A 409 -10.46 23.93 -13.41
C GLU A 409 -11.07 24.82 -14.50
N VAL A 410 -12.40 24.84 -14.56
CA VAL A 410 -13.11 25.52 -15.64
C VAL A 410 -13.48 26.93 -15.22
N LEU A 411 -13.11 27.91 -16.05
CA LEU A 411 -13.47 29.29 -15.82
C LEU A 411 -14.40 29.74 -16.93
N GLU A 412 -15.38 30.59 -16.60
CA GLU A 412 -16.17 31.25 -17.64
C GLU A 412 -15.99 32.76 -17.50
N GLY A 413 -15.29 33.37 -18.45
CA GLY A 413 -15.02 34.80 -18.41
C GLY A 413 -14.17 35.18 -17.21
N GLY A 414 -13.23 34.31 -16.85
CA GLY A 414 -12.37 34.54 -15.72
C GLY A 414 -12.97 34.13 -14.38
N LYS A 415 -14.28 33.86 -14.38
CA LYS A 415 -14.98 33.46 -13.18
C LYS A 415 -14.95 31.92 -12.97
N SER A 416 -14.55 31.50 -11.78
CA SER A 416 -14.44 30.08 -11.48
C SER A 416 -15.79 29.39 -11.36
N LEU A 417 -16.03 28.35 -12.17
CA LEU A 417 -17.22 27.54 -12.00
C LEU A 417 -17.00 26.53 -10.87
N THR A 418 -18.10 26.02 -10.31
CA THR A 418 -18.04 25.07 -9.21
C THR A 418 -18.94 23.86 -9.45
N VAL A 419 -18.68 22.78 -8.72
CA VAL A 419 -19.60 21.64 -8.68
C VAL A 419 -19.81 21.33 -7.20
N GLU A 420 -20.88 20.60 -6.89
CA GLU A 420 -21.13 20.17 -5.52
C GLU A 420 -20.35 18.87 -5.27
N GLN A 421 -19.69 18.81 -4.12
CA GLN A 421 -18.87 17.67 -3.71
C GLN A 421 -19.72 16.47 -3.29
N TYR A 422 -19.17 15.27 -3.42
CA TYR A 422 -19.84 14.05 -2.97
C TYR A 422 -19.18 13.50 -1.71
N SER A 423 -19.98 12.85 -0.87
CA SER A 423 -19.49 12.06 0.25
C SER A 423 -20.03 10.64 0.08
N VAL A 424 -19.41 9.66 0.72
CA VAL A 424 -19.85 8.28 0.59
C VAL A 424 -20.24 7.74 1.97
N ASP A 425 -21.16 6.78 1.99
CA ASP A 425 -21.56 6.13 3.25
C ASP A 425 -22.20 4.78 2.96
N PHE A 426 -22.24 3.92 3.99
CA PHE A 426 -22.90 2.62 3.91
C PHE A 426 -24.09 2.55 4.88
N ASP A 427 -24.61 3.71 5.28
CA ASP A 427 -25.71 3.77 6.24
C ASP A 427 -26.94 2.99 5.78
N SER A 428 -27.16 2.94 4.47
CA SER A 428 -28.30 2.27 3.89
C SER A 428 -28.11 0.76 3.80
N GLY A 429 -26.89 0.30 4.02
CA GLY A 429 -26.58 -1.11 3.89
C GLY A 429 -25.82 -1.43 2.62
N SER A 430 -25.78 -0.46 1.70
CA SER A 430 -24.92 -0.55 0.53
C SER A 430 -24.23 0.78 0.31
N LEU A 431 -23.26 0.82 -0.60
CA LEU A 431 -22.51 2.08 -0.82
C LEU A 431 -23.41 3.11 -1.49
N ARG A 432 -23.43 4.31 -0.90
CA ARG A 432 -24.18 5.43 -1.46
C ARG A 432 -23.19 6.56 -1.69
N GLU A 433 -23.26 7.18 -2.87
CA GLU A 433 -22.42 8.34 -3.18
C GLU A 433 -23.36 9.50 -3.44
N ARG A 434 -23.27 10.55 -2.62
CA ARG A 434 -24.25 11.63 -2.73
C ARG A 434 -23.74 13.01 -2.36
N HIS A 435 -24.37 14.01 -2.95
CA HIS A 435 -23.99 15.41 -2.75
C HIS A 435 -24.01 15.83 -1.27
N ASN A 436 -22.99 16.58 -0.86
CA ASN A 436 -22.86 16.94 0.54
C ASN A 436 -23.06 18.41 0.88
N GLY A 437 -23.44 19.22 -0.12
CA GLY A 437 -23.73 20.63 0.10
C GLY A 437 -22.55 21.57 -0.06
N LYS A 438 -21.36 21.02 -0.25
CA LYS A 438 -20.17 21.85 -0.39
C LYS A 438 -19.79 22.06 -1.87
N GLN A 439 -19.48 23.30 -2.23
CA GLN A 439 -19.05 23.60 -3.59
C GLN A 439 -17.53 23.60 -3.68
N VAL A 440 -17.01 23.03 -4.77
CA VAL A 440 -15.58 22.98 -5.01
C VAL A 440 -15.33 23.39 -6.44
N PRO A 441 -14.11 23.85 -6.76
CA PRO A 441 -13.83 24.27 -8.13
C PRO A 441 -14.15 23.20 -9.18
N MET A 442 -14.79 23.59 -10.26
CA MET A 442 -15.15 22.65 -11.34
C MET A 442 -13.93 22.18 -12.12
N ASN A 443 -13.64 20.88 -12.08
CA ASN A 443 -12.47 20.30 -12.74
C ASN A 443 -12.87 19.41 -13.90
N VAL A 444 -12.17 19.52 -15.03
CA VAL A 444 -12.51 18.71 -16.20
C VAL A 444 -12.35 17.20 -15.99
N PHE A 445 -11.77 16.79 -14.87
CA PHE A 445 -11.68 15.36 -14.58
C PHE A 445 -12.88 14.87 -13.77
N TYR A 446 -13.81 15.78 -13.46
CA TYR A 446 -14.94 15.46 -12.57
C TYR A 446 -16.19 14.94 -13.29
N LYS A 447 -17.01 14.18 -12.58
CA LYS A 447 -18.26 13.69 -13.15
C LYS A 447 -19.25 14.82 -13.44
N ASP A 448 -19.27 15.82 -12.58
CA ASP A 448 -20.27 16.89 -12.66
C ASP A 448 -19.81 18.10 -13.46
N SER A 449 -18.65 18.00 -14.09
CA SER A 449 -18.11 19.13 -14.84
C SER A 449 -18.87 19.40 -16.15
N LEU A 450 -18.98 20.69 -16.46
CA LEU A 450 -19.55 21.15 -17.72
C LEU A 450 -18.76 20.62 -18.91
N PHE A 451 -17.43 20.63 -18.79
CA PHE A 451 -16.51 20.07 -19.78
C PHE A 451 -15.75 18.88 -19.20
N LYS A 452 -15.75 17.77 -19.93
CA LYS A 452 -15.14 16.52 -19.46
C LYS A 452 -14.08 16.01 -20.40
N VAL A 453 -13.00 15.46 -19.84
CA VAL A 453 -11.95 14.85 -20.65
C VAL A 453 -12.38 13.48 -21.14
N THR A 454 -11.62 12.91 -22.07
CA THR A 454 -11.85 11.56 -22.54
C THR A 454 -11.69 10.57 -21.39
N PRO A 455 -12.62 9.61 -21.25
CA PRO A 455 -12.51 8.64 -20.17
C PRO A 455 -11.42 7.61 -20.43
N THR A 456 -10.17 8.02 -20.19
CA THR A 456 -9.02 7.14 -20.39
C THR A 456 -7.96 7.50 -19.34
N ASN A 457 -6.82 6.82 -19.36
CA ASN A 457 -5.77 7.12 -18.38
C ASN A 457 -4.74 8.11 -18.91
N TYR A 458 -4.27 9.00 -18.03
CA TYR A 458 -3.28 10.01 -18.38
C TYR A 458 -2.11 9.88 -17.43
N ILE A 459 -1.03 10.62 -17.72
CA ILE A 459 0.08 10.74 -16.79
C ILE A 459 0.25 12.23 -16.47
N ALA A 460 0.38 12.54 -15.19
CA ALA A 460 0.59 13.92 -14.76
C ALA A 460 1.94 14.03 -14.08
N MET A 461 2.45 15.25 -14.07
CA MET A 461 3.72 15.57 -13.42
CA MET A 461 3.71 15.55 -13.38
C MET A 461 3.52 16.74 -12.46
N THR A 462 4.18 16.71 -11.31
CA THR A 462 4.21 17.88 -10.44
C THR A 462 5.67 18.05 -9.98
N THR A 463 6.03 19.24 -9.53
CA THR A 463 7.40 19.45 -9.07
C THR A 463 7.36 20.12 -7.70
N SER A 464 8.44 19.95 -6.95
CA SER A 464 8.63 20.69 -5.70
C SER A 464 9.96 21.43 -5.74
N GLN A 465 9.97 22.69 -5.31
CA GLN A 465 11.18 23.50 -5.20
C GLN A 465 11.73 23.51 -3.78
N ASN A 466 11.07 22.79 -2.88
CA ASN A 466 11.47 22.78 -1.48
C ASN A 466 11.55 21.36 -0.90
N ARG A 467 11.94 20.42 -1.77
CA ARG A 467 12.17 19.05 -1.37
C ARG A 467 10.98 18.44 -0.64
N GLY A 468 9.78 18.68 -1.17
CA GLY A 468 8.58 17.99 -0.69
C GLY A 468 7.78 18.69 0.39
N GLU A 469 8.14 19.94 0.70
CA GLU A 469 7.35 20.73 1.63
C GLU A 469 6.07 21.26 0.97
N SER A 470 6.13 21.46 -0.34
CA SER A 470 4.93 21.81 -1.11
C SER A 470 5.11 21.33 -2.54
N TRP A 471 3.99 21.04 -3.22
CA TRP A 471 4.03 20.63 -4.62
C TRP A 471 3.24 21.58 -5.51
N GLU A 472 3.73 21.77 -6.73
CA GLU A 472 3.07 22.58 -7.75
C GLU A 472 1.76 21.93 -8.18
N GLN A 473 0.92 22.70 -8.86
CA GLN A 473 -0.20 22.16 -9.61
C GLN A 473 0.33 21.25 -10.73
N PHE A 474 -0.34 20.13 -10.97
CA PHE A 474 0.20 19.16 -11.91
C PHE A 474 -0.03 19.56 -13.38
N LYS A 475 0.82 19.06 -14.27
CA LYS A 475 0.60 19.17 -15.71
C LYS A 475 0.46 17.79 -16.31
N LEU A 476 -0.42 17.65 -17.30
CA LEU A 476 -0.49 16.41 -18.06
C LEU A 476 0.70 16.28 -18.99
N LEU A 477 1.30 15.08 -19.05
CA LEU A 477 2.29 14.79 -20.07
C LEU A 477 1.55 14.59 -21.39
N PRO A 478 2.20 14.91 -22.52
CA PRO A 478 1.60 14.71 -23.85
C PRO A 478 1.51 13.23 -24.22
N PRO A 479 0.77 12.89 -25.31
CA PRO A 479 0.76 11.49 -25.75
C PRO A 479 2.10 11.13 -26.36
N PHE A 480 2.51 9.87 -26.22
CA PHE A 480 3.82 9.45 -26.73
C PHE A 480 3.71 8.44 -27.85
N LEU A 481 2.61 7.69 -27.85
CA LEU A 481 2.41 6.62 -28.83
C LEU A 481 1.25 6.93 -29.79
N GLY A 482 0.99 8.22 -30.00
CA GLY A 482 0.03 8.63 -31.01
C GLY A 482 -1.34 9.06 -30.54
N GLU A 483 -2.10 9.66 -31.44
CA GLU A 483 -3.42 10.21 -31.15
C GLU A 483 -4.42 9.13 -30.71
N LYS A 484 -4.32 7.96 -31.33
CA LYS A 484 -5.33 6.91 -31.17
C LYS A 484 -4.86 5.77 -30.27
N HIS A 485 -3.84 6.03 -29.45
CA HIS A 485 -3.35 5.05 -28.50
C HIS A 485 -3.57 5.60 -27.11
N ASN A 486 -4.23 4.84 -26.23
CA ASN A 486 -4.35 5.31 -24.86
C ASN A 486 -2.95 5.40 -24.24
N GLY A 487 -2.80 6.24 -23.23
CA GLY A 487 -1.49 6.49 -22.67
C GLY A 487 -0.89 5.28 -21.97
N THR A 488 0.41 5.36 -21.68
CA THR A 488 1.06 4.28 -20.97
C THR A 488 0.81 4.39 -19.47
N TYR A 489 1.20 3.36 -18.73
CA TYR A 489 1.02 3.34 -17.28
C TYR A 489 2.35 3.53 -16.59
N LEU A 490 2.42 4.51 -15.69
CA LEU A 490 3.66 4.77 -14.98
C LEU A 490 4.08 3.59 -14.11
N CYS A 491 5.38 3.33 -14.07
CA CYS A 491 5.91 2.32 -13.17
C CYS A 491 6.14 2.96 -11.84
N PRO A 492 5.46 2.47 -10.80
CA PRO A 492 5.59 3.12 -9.50
C PRO A 492 6.93 2.92 -8.83
N GLY A 493 7.36 3.93 -8.06
CA GLY A 493 8.62 3.84 -7.37
C GLY A 493 9.52 5.03 -7.62
N GLN A 494 10.66 4.78 -8.26
CA GLN A 494 11.61 5.82 -8.59
C GLN A 494 11.75 6.00 -10.10
N GLY A 495 12.00 7.23 -10.52
CA GLY A 495 12.57 7.46 -11.83
C GLY A 495 14.08 7.37 -11.65
N LEU A 496 14.84 7.52 -12.73
CA LEU A 496 16.29 7.40 -12.64
C LEU A 496 16.96 8.70 -13.06
N ALA A 497 17.83 9.22 -12.20
CA ALA A 497 18.66 10.39 -12.53
C ALA A 497 20.06 9.88 -12.80
N LEU A 498 20.46 9.86 -14.07
CA LEU A 498 21.78 9.37 -14.41
C LEU A 498 22.84 10.19 -13.67
N LYS A 499 23.84 9.52 -13.14
CA LYS A 499 24.82 10.21 -12.29
C LYS A 499 25.76 11.16 -13.05
N SER A 500 26.07 10.83 -14.31
CA SER A 500 27.06 11.59 -15.07
C SER A 500 26.48 12.60 -16.05
N SER A 501 25.15 12.72 -16.08
CA SER A 501 24.53 13.70 -16.96
C SER A 501 23.31 14.35 -16.30
N ASN A 502 22.57 15.13 -17.09
CA ASN A 502 21.31 15.71 -16.64
C ASN A 502 20.09 14.86 -17.04
N ARG A 503 20.33 13.68 -17.60
CA ARG A 503 19.22 12.88 -18.11
C ARG A 503 18.34 12.33 -16.99
N LEU A 504 17.03 12.49 -17.17
CA LEU A 504 16.03 11.92 -16.26
C LEU A 504 15.19 10.91 -17.05
N ILE A 505 14.89 9.77 -16.41
CA ILE A 505 14.10 8.73 -17.04
C ILE A 505 13.02 8.19 -16.11
N PHE A 506 11.78 8.14 -16.61
CA PHE A 506 10.72 7.41 -15.91
C PHE A 506 10.28 6.26 -16.80
N ALA A 507 10.29 5.05 -16.24
CA ALA A 507 9.78 3.90 -16.98
C ALA A 507 8.25 3.90 -16.94
N THR A 508 7.63 3.49 -18.04
CA THR A 508 6.19 3.26 -18.06
C THR A 508 5.95 1.96 -18.81
N TYR A 509 4.75 1.39 -18.71
CA TYR A 509 4.46 0.19 -19.47
C TYR A 509 3.19 0.29 -20.31
N THR A 510 3.15 -0.47 -21.39
CA THR A 510 1.92 -0.63 -22.12
C THR A 510 1.93 -2.00 -22.76
N SER A 511 0.90 -2.30 -23.55
CA SER A 511 0.85 -3.60 -24.19
C SER A 511 2.04 -3.79 -25.13
N GLY A 512 2.83 -4.83 -24.89
CA GLY A 512 3.92 -5.18 -25.80
C GLY A 512 5.26 -4.47 -25.63
N GLU A 513 5.35 -3.51 -24.70
CA GLU A 513 6.63 -2.79 -24.53
C GLU A 513 6.77 -2.05 -23.21
N LEU A 514 8.01 -1.76 -22.84
CA LEU A 514 8.28 -0.72 -21.87
C LEU A 514 8.48 0.58 -22.66
N THR A 515 7.90 1.66 -22.16
CA THR A 515 8.03 2.95 -22.80
C THR A 515 8.71 3.90 -21.82
N TYR A 516 10.01 4.07 -21.98
CA TYR A 516 10.78 4.95 -21.12
C TYR A 516 10.56 6.39 -21.55
N LEU A 517 10.28 7.25 -20.58
CA LEU A 517 10.13 8.67 -20.85
C LEU A 517 11.42 9.35 -20.42
N ILE A 518 12.03 10.07 -21.35
CA ILE A 518 13.37 10.64 -21.16
C ILE A 518 13.38 12.17 -21.24
N SER A 519 13.97 12.83 -20.25
CA SER A 519 14.10 14.28 -20.29
C SER A 519 15.54 14.71 -20.00
N ASP A 520 16.05 15.65 -20.79
CA ASP A 520 17.39 16.21 -20.55
C ASP A 520 17.32 17.67 -20.12
N ASP A 521 16.11 18.18 -19.91
CA ASP A 521 15.92 19.58 -19.55
C ASP A 521 15.06 19.77 -18.30
N SER A 522 15.38 19.01 -17.25
CA SER A 522 14.71 19.15 -15.95
C SER A 522 13.22 18.86 -16.06
N GLY A 523 12.85 17.94 -16.95
CA GLY A 523 11.47 17.52 -17.07
C GLY A 523 10.54 18.50 -17.76
N GLN A 524 11.10 19.49 -18.45
CA GLN A 524 10.26 20.42 -19.22
C GLN A 524 9.75 19.76 -20.50
N THR A 525 10.59 18.96 -21.13
CA THR A 525 10.17 18.20 -22.31
C THR A 525 10.60 16.74 -22.21
N TRP A 526 9.80 15.86 -22.80
CA TRP A 526 10.02 14.42 -22.71
C TRP A 526 9.98 13.82 -24.10
N LYS A 527 10.76 12.76 -24.28
CA LYS A 527 10.69 11.93 -25.48
C LYS A 527 10.54 10.50 -25.03
N LYS A 528 10.04 9.62 -25.89
CA LYS A 528 9.95 8.24 -25.49
C LYS A 528 11.08 7.42 -26.09
N SER A 529 11.44 6.35 -25.38
CA SER A 529 12.29 5.32 -25.93
C SER A 529 11.58 3.99 -25.69
N SER A 530 11.17 3.34 -26.78
CA SER A 530 10.42 2.09 -26.71
C SER A 530 11.29 0.83 -26.68
N ALA A 531 10.97 -0.08 -25.77
CA ALA A 531 11.68 -1.35 -25.67
C ALA A 531 10.70 -2.52 -25.68
N SER A 532 10.69 -3.25 -26.78
CA SER A 532 9.78 -4.40 -26.93
C SER A 532 9.98 -5.45 -25.84
N ILE A 533 8.87 -5.99 -25.35
CA ILE A 533 8.91 -7.12 -24.44
C ILE A 533 7.96 -8.20 -24.97
N PRO A 534 8.30 -9.48 -24.70
CA PRO A 534 7.55 -10.61 -25.29
C PRO A 534 6.27 -10.94 -24.53
N PHE A 535 5.53 -9.93 -24.11
CA PHE A 535 4.25 -10.14 -23.47
C PHE A 535 3.23 -9.22 -24.10
N LYS A 536 2.00 -9.70 -24.22
CA LYS A 536 0.90 -8.80 -24.47
C LYS A 536 0.21 -8.57 -23.14
N ASN A 537 -0.21 -7.33 -22.90
CA ASN A 537 -1.06 -7.00 -21.75
C ASN A 537 -0.47 -7.23 -20.35
N ALA A 538 0.86 -7.31 -20.24
CA ALA A 538 1.47 -7.48 -18.94
C ALA A 538 1.40 -6.18 -18.11
N THR A 539 1.24 -6.33 -16.81
CA THR A 539 1.49 -5.24 -15.86
C THR A 539 3.00 -5.24 -15.66
N ALA A 540 3.72 -4.65 -16.62
CA ALA A 540 5.17 -4.77 -16.63
C ALA A 540 5.81 -3.64 -15.85
N GLU A 541 5.55 -3.61 -14.55
CA GLU A 541 6.10 -2.59 -13.67
C GLU A 541 7.61 -2.75 -13.61
N ALA A 542 8.33 -1.68 -13.94
CA ALA A 542 9.77 -1.75 -14.17
C ALA A 542 10.49 -0.73 -13.30
N GLN A 543 11.62 -1.13 -12.71
CA GLN A 543 12.45 -0.18 -11.97
C GLN A 543 13.89 -0.33 -12.45
N MET A 544 14.64 0.77 -12.43
CA MET A 544 15.97 0.83 -13.05
C MET A 544 17.10 1.03 -12.05
N VAL A 545 18.28 0.48 -12.37
CA VAL A 545 19.52 0.81 -11.65
C VAL A 545 20.60 1.21 -12.65
N GLU A 546 21.45 2.17 -12.29
CA GLU A 546 22.61 2.48 -13.12
C GLU A 546 23.78 1.62 -12.64
N LEU A 547 24.14 0.60 -13.42
CA LEU A 547 25.23 -0.30 -13.03
C LEU A 547 26.58 0.43 -13.04
N ARG A 548 26.77 1.25 -14.05
CA ARG A 548 27.93 2.13 -14.17
C ARG A 548 27.53 3.21 -15.16
N ASP A 549 28.38 4.21 -15.34
CA ASP A 549 28.04 5.37 -16.17
CA ASP A 549 28.09 5.37 -16.19
C ASP A 549 27.45 4.99 -17.54
N GLY A 550 26.21 5.43 -17.75
CA GLY A 550 25.52 5.17 -19.00
C GLY A 550 24.91 3.79 -19.16
N VAL A 551 25.13 2.90 -18.21
CA VAL A 551 24.65 1.51 -18.30
C VAL A 551 23.50 1.32 -17.33
N ILE A 552 22.29 1.09 -17.87
CA ILE A 552 21.08 0.94 -17.08
C ILE A 552 20.56 -0.48 -17.13
N ARG A 553 20.31 -1.10 -15.98
CA ARG A 553 19.57 -2.36 -16.01
C ARG A 553 18.19 -2.16 -15.42
N THR A 554 17.19 -2.62 -16.15
CA THR A 554 15.82 -2.47 -15.70
C THR A 554 15.29 -3.83 -15.27
N PHE A 555 14.74 -3.91 -14.07
CA PHE A 555 14.09 -5.13 -13.60
C PHE A 555 12.59 -4.97 -13.66
N PHE A 556 11.89 -5.97 -14.16
CA PHE A 556 10.44 -5.82 -14.33
C PHE A 556 9.58 -7.05 -14.11
N ARG A 557 8.36 -6.76 -13.68
CA ARG A 557 7.31 -7.75 -13.42
C ARG A 557 6.84 -8.36 -14.72
N THR A 558 6.61 -9.67 -14.73
CA THR A 558 6.12 -10.33 -15.94
C THR A 558 4.92 -11.20 -15.63
N THR A 559 4.52 -12.01 -16.60
CA THR A 559 3.46 -12.98 -16.43
C THR A 559 4.02 -14.42 -16.42
N THR A 560 5.34 -14.54 -16.23
CA THR A 560 6.02 -15.84 -16.38
C THR A 560 6.41 -16.53 -15.09
N GLY A 561 6.24 -15.83 -13.97
CA GLY A 561 6.68 -16.35 -12.69
C GLY A 561 8.13 -16.01 -12.39
N LYS A 562 8.79 -15.35 -13.34
CA LYS A 562 10.15 -14.87 -13.14
C LYS A 562 10.21 -13.37 -13.39
N ILE A 563 11.02 -12.69 -12.58
CA ILE A 563 11.32 -11.28 -12.82
C ILE A 563 12.20 -11.21 -14.07
N ALA A 564 11.94 -10.25 -14.95
CA ALA A 564 12.76 -10.08 -16.14
C ALA A 564 13.68 -8.86 -16.01
N TYR A 565 14.60 -8.76 -16.96
CA TYR A 565 15.45 -7.58 -17.03
C TYR A 565 15.89 -7.31 -18.46
N MET A 566 16.23 -6.06 -18.74
CA MET A 566 16.86 -5.68 -20.00
C MET A 566 17.92 -4.63 -19.67
N THR A 567 18.81 -4.37 -20.62
CA THR A 567 19.93 -3.46 -20.39
C THR A 567 20.08 -2.43 -21.50
N SER A 568 20.39 -1.20 -21.12
CA SER A 568 20.77 -0.15 -22.05
C SER A 568 22.22 0.25 -21.77
N ARG A 569 23.00 0.51 -22.81
CA ARG A 569 24.39 0.93 -22.62
C ARG A 569 24.62 2.31 -23.18
N ASP A 570 23.54 3.01 -23.49
CA ASP A 570 23.64 4.35 -24.05
C ASP A 570 22.65 5.29 -23.39
N SER A 571 22.60 5.22 -22.07
CA SER A 571 21.75 6.10 -21.27
C SER A 571 20.26 6.06 -21.67
N GLY A 572 19.79 4.88 -22.04
CA GLY A 572 18.36 4.71 -22.33
C GLY A 572 17.91 4.91 -23.78
N GLU A 573 18.83 5.18 -24.70
CA GLU A 573 18.44 5.35 -26.11
C GLU A 573 17.96 4.04 -26.75
N THR A 574 18.68 2.95 -26.47
CA THR A 574 18.35 1.64 -27.03
C THR A 574 18.40 0.59 -25.93
N TRP A 575 17.69 -0.51 -26.13
CA TRP A 575 17.55 -1.53 -25.09
C TRP A 575 17.81 -2.94 -25.60
N SER A 576 18.36 -3.78 -24.73
CA SER A 576 18.64 -5.17 -25.08
C SER A 576 17.37 -5.99 -25.16
N LYS A 577 17.54 -7.25 -25.54
CA LYS A 577 16.47 -8.23 -25.44
C LYS A 577 16.21 -8.55 -23.97
N VAL A 578 15.13 -9.26 -23.70
CA VAL A 578 14.70 -9.56 -22.32
C VAL A 578 15.33 -10.84 -21.79
N SER A 579 15.90 -10.78 -20.58
CA SER A 579 16.37 -11.98 -19.89
C SER A 579 15.58 -12.16 -18.61
N TYR A 580 15.78 -13.29 -17.94
CA TYR A 580 15.04 -13.58 -16.72
C TYR A 580 15.97 -13.99 -15.59
N ILE A 581 15.61 -13.61 -14.37
CA ILE A 581 16.36 -14.00 -13.18
C ILE A 581 15.91 -15.36 -12.69
N ASP A 582 16.87 -16.27 -12.54
CA ASP A 582 16.64 -17.55 -11.88
C ASP A 582 16.96 -17.35 -10.41
N GLY A 583 16.29 -18.08 -9.52
CA GLY A 583 16.61 -17.97 -8.11
C GLY A 583 15.62 -17.14 -7.32
N ILE A 584 14.74 -16.43 -8.02
CA ILE A 584 13.61 -15.77 -7.39
C ILE A 584 12.32 -16.20 -8.10
N GLN A 585 11.29 -16.51 -7.32
CA GLN A 585 10.00 -16.89 -7.88
C GLN A 585 8.95 -15.82 -7.60
N GLN A 586 8.13 -15.53 -8.60
CA GLN A 586 6.94 -14.72 -8.40
C GLN A 586 5.75 -15.54 -8.86
N THR A 587 4.55 -15.04 -8.59
CA THR A 587 3.34 -15.70 -9.03
C THR A 587 3.15 -15.46 -10.51
N SER A 588 2.20 -16.18 -11.10
CA SER A 588 1.83 -16.00 -12.50
C SER A 588 1.46 -14.54 -12.79
N TYR A 589 0.78 -13.88 -11.85
CA TYR A 589 0.35 -12.50 -12.08
C TYR A 589 1.44 -11.47 -11.77
N GLY A 590 2.36 -11.84 -10.89
CA GLY A 590 3.53 -11.02 -10.62
C GLY A 590 3.31 -9.92 -9.59
N THR A 591 4.42 -9.30 -9.17
CA THR A 591 4.36 -8.22 -8.19
C THR A 591 5.41 -7.19 -8.56
N GLN A 592 5.12 -5.92 -8.29
CA GLN A 592 6.11 -4.87 -8.43
C GLN A 592 7.40 -5.25 -7.73
N VAL A 593 8.53 -4.91 -8.37
CA VAL A 593 9.85 -5.15 -7.78
C VAL A 593 10.59 -3.81 -7.67
N SER A 594 11.22 -3.55 -6.52
CA SER A 594 12.00 -2.32 -6.41
C SER A 594 13.50 -2.65 -6.39
N ALA A 595 14.33 -1.70 -6.80
CA ALA A 595 15.76 -1.97 -6.98
C ALA A 595 16.63 -0.73 -6.82
N ILE A 596 17.80 -0.91 -6.23
CA ILE A 596 18.76 0.19 -6.17
C ILE A 596 20.18 -0.30 -6.44
N LYS A 597 21.01 0.64 -6.87
CA LYS A 597 22.44 0.43 -6.96
C LYS A 597 23.07 0.91 -5.65
N TYR A 598 23.65 0.00 -4.87
CA TYR A 598 24.23 0.36 -3.57
C TYR A 598 25.54 1.12 -3.79
N SER A 599 25.83 2.12 -2.94
CA SER A 599 27.01 2.96 -3.16
C SER A 599 28.33 2.28 -2.79
N GLN A 600 28.27 1.28 -1.92
CA GLN A 600 29.49 0.69 -1.38
C GLN A 600 29.73 -0.70 -1.97
N LEU A 601 30.99 -1.10 -2.07
CA LEU A 601 31.31 -2.44 -2.56
C LEU A 601 30.90 -3.47 -1.52
N ILE A 602 30.50 -4.64 -2.01
CA ILE A 602 30.21 -5.77 -1.15
C ILE A 602 31.02 -6.94 -1.68
N ASP A 603 31.77 -7.58 -0.78
CA ASP A 603 32.70 -8.65 -1.16
C ASP A 603 33.60 -8.19 -2.31
N GLY A 604 33.93 -6.90 -2.30
CA GLY A 604 34.80 -6.31 -3.30
C GLY A 604 34.13 -6.03 -4.63
N LYS A 605 32.81 -6.19 -4.69
CA LYS A 605 32.10 -6.06 -5.95
C LYS A 605 31.06 -4.94 -5.90
N GLU A 606 30.73 -4.41 -7.08
CA GLU A 606 29.62 -3.51 -7.26
C GLU A 606 28.34 -4.28 -6.91
N ALA A 607 27.40 -3.65 -6.21
CA ALA A 607 26.23 -4.35 -5.70
C ALA A 607 24.90 -3.72 -6.11
N VAL A 608 23.92 -4.56 -6.41
CA VAL A 608 22.55 -4.12 -6.69
C VAL A 608 21.68 -4.82 -5.65
N ILE A 609 20.67 -4.13 -5.12
CA ILE A 609 19.74 -4.78 -4.20
C ILE A 609 18.31 -4.78 -4.75
N LEU A 610 17.69 -5.97 -4.81
CA LEU A 610 16.32 -6.14 -5.29
C LEU A 610 15.37 -6.42 -4.12
N SER A 611 14.19 -5.82 -4.16
CA SER A 611 13.13 -6.06 -3.17
C SER A 611 11.89 -6.62 -3.86
N THR A 612 11.41 -7.77 -3.38
CA THR A 612 10.33 -8.49 -4.04
C THR A 612 9.80 -9.60 -3.14
N PRO A 613 8.52 -9.97 -3.30
CA PRO A 613 8.14 -11.26 -2.72
C PRO A 613 8.93 -12.38 -3.40
N ASN A 614 9.21 -13.47 -2.69
CA ASN A 614 9.85 -14.64 -3.31
C ASN A 614 8.95 -15.84 -3.07
N SER A 615 8.02 -16.09 -3.99
CA SER A 615 6.98 -17.09 -3.80
C SER A 615 6.25 -17.31 -5.12
N ARG A 616 5.93 -18.56 -5.45
CA ARG A 616 5.16 -18.80 -6.67
C ARG A 616 3.68 -18.95 -6.34
N SER A 617 3.35 -18.86 -5.06
CA SER A 617 1.97 -19.04 -4.60
CA SER A 617 1.97 -19.04 -4.59
C SER A 617 1.19 -17.76 -4.34
N GLY A 618 1.79 -16.82 -3.62
CA GLY A 618 1.10 -15.59 -3.28
C GLY A 618 2.06 -14.44 -3.08
N ARG A 619 1.56 -13.29 -2.63
CA ARG A 619 2.46 -12.17 -2.33
C ARG A 619 2.89 -12.29 -0.87
N LYS A 620 3.96 -13.05 -0.66
CA LYS A 620 4.45 -13.37 0.69
C LYS A 620 5.90 -13.79 0.55
N GLY A 621 6.58 -13.99 1.67
CA GLY A 621 7.99 -14.36 1.61
C GLY A 621 8.88 -13.24 1.09
N GLY A 622 8.69 -12.04 1.63
CA GLY A 622 9.46 -10.90 1.18
C GLY A 622 10.95 -11.05 1.38
N GLN A 623 11.72 -10.65 0.37
CA GLN A 623 13.17 -10.72 0.44
C GLN A 623 13.85 -9.47 -0.11
N LEU A 624 15.02 -9.18 0.45
CA LEU A 624 15.96 -8.29 -0.20
C LEU A 624 17.03 -9.23 -0.74
N VAL A 625 17.34 -9.12 -2.02
CA VAL A 625 18.29 -10.03 -2.65
C VAL A 625 19.48 -9.21 -3.13
N VAL A 626 20.66 -9.53 -2.62
CA VAL A 626 21.85 -8.74 -2.94
C VAL A 626 22.59 -9.38 -4.10
N GLY A 627 22.77 -8.61 -5.17
CA GLY A 627 23.44 -9.12 -6.35
C GLY A 627 24.77 -8.44 -6.56
N LEU A 628 25.79 -9.23 -6.87
CA LEU A 628 27.11 -8.69 -7.15
C LEU A 628 27.38 -8.72 -8.66
N VAL A 629 27.83 -7.58 -9.17
CA VAL A 629 28.02 -7.39 -10.60
C VAL A 629 29.37 -7.96 -11.03
N ASN A 630 29.35 -8.74 -12.11
CA ASN A 630 30.57 -9.23 -12.73
C ASN A 630 30.97 -8.26 -13.84
N LYS A 631 32.00 -7.46 -13.59
CA LYS A 631 32.41 -6.42 -14.53
C LYS A 631 32.93 -6.95 -15.88
N GLU A 632 33.14 -8.26 -15.97
CA GLU A 632 33.53 -8.87 -17.24
C GLU A 632 32.41 -8.70 -18.27
N ASP A 633 31.18 -8.89 -17.81
CA ASP A 633 30.03 -8.94 -18.72
C ASP A 633 28.77 -8.27 -18.14
N ASP A 634 28.91 -7.62 -16.98
CA ASP A 634 27.80 -6.99 -16.28
C ASP A 634 26.70 -7.95 -15.84
N SER A 635 27.02 -9.24 -15.79
CA SER A 635 26.07 -10.22 -15.31
C SER A 635 26.01 -10.07 -13.79
N ILE A 636 24.92 -10.53 -13.18
CA ILE A 636 24.76 -10.35 -11.73
C ILE A 636 24.61 -11.70 -11.04
N ASP A 637 25.42 -11.91 -10.01
CA ASP A 637 25.26 -13.09 -9.18
C ASP A 637 24.51 -12.76 -7.90
N TRP A 638 23.29 -13.30 -7.81
CA TRP A 638 22.42 -13.06 -6.69
C TRP A 638 22.90 -13.93 -5.54
N LYS A 639 23.71 -13.32 -4.69
CA LYS A 639 24.52 -14.03 -3.70
C LYS A 639 23.87 -14.16 -2.33
N TYR A 640 23.16 -13.13 -1.89
CA TYR A 640 22.53 -13.11 -0.57
C TYR A 640 21.03 -12.88 -0.66
N HIS A 641 20.25 -13.69 0.06
CA HIS A 641 18.81 -13.51 0.18
C HIS A 641 18.47 -13.20 1.63
N TYR A 642 17.95 -12.01 1.90
CA TYR A 642 17.52 -11.67 3.26
C TYR A 642 16.01 -11.77 3.35
N ASP A 643 15.56 -12.64 4.23
CA ASP A 643 14.13 -12.80 4.43
C ASP A 643 13.61 -11.71 5.37
N ILE A 644 12.72 -10.86 4.85
CA ILE A 644 12.19 -9.72 5.60
C ILE A 644 11.34 -10.18 6.80
N ASP A 645 10.60 -11.26 6.59
CA ASP A 645 9.82 -11.90 7.65
C ASP A 645 9.57 -13.34 7.17
N LEU A 646 8.67 -14.06 7.82
CA LEU A 646 8.43 -15.47 7.49
C LEU A 646 8.04 -15.67 6.02
N PRO A 647 8.38 -16.85 5.47
CA PRO A 647 7.97 -17.10 4.08
C PRO A 647 6.46 -17.05 3.89
N SER A 648 5.70 -17.32 4.94
CA SER A 648 4.24 -17.37 4.85
C SER A 648 3.57 -16.02 5.12
N TYR A 649 4.33 -15.04 5.61
CA TYR A 649 3.77 -13.73 5.93
C TYR A 649 3.81 -12.80 4.73
N GLY A 650 2.81 -11.94 4.62
CA GLY A 650 2.59 -11.15 3.42
C GLY A 650 3.64 -10.11 3.11
N TYR A 651 3.90 -9.95 1.81
CA TYR A 651 4.84 -8.95 1.31
C TYR A 651 4.49 -8.67 -0.12
N ALA A 652 4.11 -7.43 -0.45
CA ALA A 652 3.74 -7.12 -1.83
C ALA A 652 4.56 -6.00 -2.47
N TYR A 653 3.90 -4.90 -2.83
CA TYR A 653 4.64 -3.80 -3.46
C TYR A 653 5.61 -3.25 -2.44
N SER A 654 6.74 -2.72 -2.90
CA SER A 654 7.78 -2.28 -1.98
C SER A 654 8.58 -1.14 -2.54
N ALA A 655 9.27 -0.44 -1.64
CA ALA A 655 10.15 0.65 -2.00
C ALA A 655 11.42 0.48 -1.20
N ILE A 656 12.56 0.67 -1.85
CA ILE A 656 13.83 0.58 -1.15
CA ILE A 656 13.83 0.56 -1.16
C ILE A 656 14.71 1.76 -1.50
N THR A 657 15.47 2.24 -0.50
CA THR A 657 16.41 3.32 -0.75
C THR A 657 17.64 3.18 0.13
N GLU A 658 18.78 3.67 -0.37
CA GLU A 658 19.97 3.76 0.47
C GLU A 658 19.89 5.07 1.23
N LEU A 659 19.77 4.96 2.56
CA LEU A 659 19.69 6.14 3.41
C LEU A 659 21.07 6.79 3.40
N PRO A 660 21.14 8.09 3.73
CA PRO A 660 22.42 8.82 3.69
C PRO A 660 23.52 8.18 4.55
N ASN A 661 23.14 7.45 5.58
CA ASN A 661 24.11 6.80 6.46
C ASN A 661 24.50 5.41 5.99
N HIS A 662 24.08 5.07 4.77
CA HIS A 662 24.32 3.77 4.13
C HIS A 662 23.48 2.63 4.68
N HIS A 663 22.56 2.92 5.58
CA HIS A 663 21.55 1.92 5.94
C HIS A 663 20.60 1.76 4.76
N ILE A 664 19.70 0.78 4.84
CA ILE A 664 18.71 0.55 3.79
C ILE A 664 17.33 0.77 4.40
N GLY A 665 16.52 1.64 3.78
CA GLY A 665 15.17 1.85 4.24
C GLY A 665 14.23 1.09 3.32
N VAL A 666 13.24 0.43 3.90
CA VAL A 666 12.28 -0.34 3.12
C VAL A 666 10.88 0.05 3.57
N LEU A 667 10.07 0.53 2.63
CA LEU A 667 8.65 0.83 2.88
C LEU A 667 7.86 -0.13 2.00
N PHE A 668 6.98 -0.91 2.61
CA PHE A 668 6.39 -2.04 1.87
C PHE A 668 5.01 -2.41 2.35
N GLU A 669 4.21 -2.96 1.42
CA GLU A 669 2.93 -3.53 1.77
C GLU A 669 3.14 -4.85 2.50
N LYS A 670 2.96 -4.86 3.82
CA LYS A 670 3.09 -6.10 4.58
C LYS A 670 1.77 -6.88 4.60
N TYR A 671 1.32 -7.28 3.42
CA TYR A 671 0.15 -8.14 3.30
C TYR A 671 0.05 -8.62 1.87
N ASP A 672 -0.86 -9.53 1.60
CA ASP A 672 -1.05 -9.96 0.22
C ASP A 672 -2.05 -9.02 -0.46
N SER A 673 -1.55 -8.05 -1.21
CA SER A 673 -2.44 -7.08 -1.87
C SER A 673 -3.08 -7.61 -3.15
N TRP A 674 -2.92 -8.91 -3.41
CA TRP A 674 -3.66 -9.54 -4.50
C TRP A 674 -4.86 -10.28 -3.92
N SER A 675 -4.63 -10.94 -2.80
CA SER A 675 -5.61 -11.83 -2.18
C SER A 675 -6.95 -11.16 -1.96
N ARG A 676 -8.01 -11.84 -2.35
CA ARG A 676 -9.36 -11.32 -2.15
C ARG A 676 -9.80 -11.50 -0.70
N ASN A 677 -8.95 -12.13 0.12
CA ASN A 677 -9.24 -12.24 1.55
C ASN A 677 -8.57 -11.13 2.40
N GLU A 678 -7.68 -10.35 1.80
CA GLU A 678 -6.90 -9.35 2.54
C GLU A 678 -7.13 -7.93 2.06
N LEU A 679 -8.31 -7.69 1.49
CA LEU A 679 -8.69 -6.34 1.09
C LEU A 679 -8.99 -5.47 2.30
N HIS A 680 -8.76 -4.17 2.15
CA HIS A 680 -9.23 -3.17 3.10
C HIS A 680 -8.66 -3.38 4.50
N LEU A 681 -7.34 -3.53 4.57
CA LEU A 681 -6.62 -3.57 5.85
C LEU A 681 -5.96 -2.22 6.12
N SER A 682 -6.01 -1.78 7.39
CA SER A 682 -5.37 -0.53 7.78
CA SER A 682 -5.39 -0.53 7.84
C SER A 682 -3.98 -0.74 8.37
N ASN A 683 -3.07 0.19 8.07
CA ASN A 683 -1.72 0.19 8.62
C ASN A 683 -0.91 -1.09 8.38
N VAL A 684 -0.90 -1.54 7.13
CA VAL A 684 -0.09 -2.68 6.70
C VAL A 684 1.09 -2.26 5.83
N VAL A 685 1.04 -1.03 5.30
CA VAL A 685 2.22 -0.43 4.66
C VAL A 685 3.14 0.07 5.75
N GLN A 686 4.29 -0.59 5.91
CA GLN A 686 5.18 -0.34 7.03
C GLN A 686 6.62 -0.13 6.58
N TYR A 687 7.40 0.54 7.44
CA TYR A 687 8.78 0.94 7.15
C TYR A 687 9.75 0.26 8.12
N ILE A 688 10.85 -0.28 7.59
CA ILE A 688 11.92 -0.81 8.43
C ILE A 688 13.29 -0.28 8.02
N ASP A 689 14.24 -0.37 8.95
CA ASP A 689 15.59 0.10 8.72
C ASP A 689 16.52 -1.11 8.81
N LEU A 690 17.36 -1.30 7.80
CA LEU A 690 18.28 -2.42 7.77
C LEU A 690 19.72 -1.97 7.49
N GLU A 691 20.69 -2.76 7.94
CA GLU A 691 22.09 -2.50 7.62
C GLU A 691 22.55 -3.63 6.71
N ILE A 692 23.56 -3.36 5.88
CA ILE A 692 24.00 -4.35 4.90
C ILE A 692 24.46 -5.64 5.57
N ASN A 693 25.08 -5.52 6.74
CA ASN A 693 25.45 -6.72 7.48
C ASN A 693 24.26 -7.59 7.91
N ASP A 694 23.07 -6.99 8.02
CA ASP A 694 21.87 -7.77 8.31
C ASP A 694 21.54 -8.64 7.10
N LEU A 695 21.78 -8.10 5.91
CA LEU A 695 21.42 -8.74 4.66
C LEU A 695 22.35 -9.91 4.32
N THR A 696 23.64 -9.71 4.55
CA THR A 696 24.65 -10.69 4.20
C THR A 696 24.89 -11.65 5.35
OAC 0V7 B . -1.16 -5.91 -9.28
SAO 0V7 B . -2.15 -5.10 -8.51
OAA 0V7 B . -1.98 -5.26 -7.06
OAB 0V7 B . -3.52 -5.52 -8.85
CAJ 0V7 B . -1.99 -3.36 -8.93
CAI 0V7 B . -2.08 -2.96 -10.39
NAL 0V7 B . -2.71 -1.67 -10.60
CAK 0V7 B . -2.64 -1.27 -11.99
CAN 0V7 B . -3.37 -0.01 -12.32
CAH 0V7 B . -4.73 0.05 -12.21
CAM 0V7 B . -5.41 1.26 -12.51
FAD 0V7 B . -6.74 1.35 -12.41
CAF 0V7 B . -4.64 2.39 -12.91
CAE 0V7 B . -3.26 2.33 -13.02
CAG 0V7 B . -2.61 1.15 -12.72
S DMS C . 17.77 7.73 -5.22
O DMS C . 17.31 7.10 -3.62
C1 DMS C . 19.36 8.60 -5.11
C2 DMS C . 18.28 6.31 -6.22
S DMS D . -9.07 -2.80 9.78
O DMS D . -7.32 -3.02 9.50
C1 DMS D . -9.73 -1.63 8.56
C2 DMS D . -9.95 -4.30 9.27
#